data_5X68
#
_entry.id   5X68
#
_cell.length_a   176.736
_cell.length_b   176.736
_cell.length_c   89.434
_cell.angle_alpha   90.00
_cell.angle_beta   90.00
_cell.angle_gamma   120.00
#
_symmetry.space_group_name_H-M   'H 3'
#
loop_
_entity.id
_entity.type
_entity.pdbx_description
1 polymer 'Kynurenine 3-monooxygenase'
2 non-polymer 'FLAVIN-ADENINE DINUCLEOTIDE'
3 water water
#
_entity_poly.entity_id   1
_entity_poly.type   'polypeptide(L)'
_entity_poly.pdbx_seq_one_letter_code
;MRGSGSMDSSVIQRKKVAVIGGGLVGSLQACFLAKRNFQIDVYEAREDTRVATFTRGRSINLALSHRGRQALKAVGLEDQ
IVSQGIPMRARMIHSLSGKKSAIPYGTKSQYILSVSRENLNKDLLTAAEKYPNVKMHFNHRLL(MLY)CNPEEGMITVLG
SDKVPKDVTCDLIVGCDGAYSTVRSHLM(MLY)KPRFDYSQQYIPHGYMELTIPPKNGDYAMEPNYLHIWPRNTFMMIAL
PNMNKSFTCTLFMPFEEFEKLLTSNDVVDFFQKYFPDAIPLIGEKLLVQDFFLLPAQPMISV(MLY)CSSFHF(MLY)SH
CVLLGDAAHAIVPFFGQGMNAGFEDCLVFDELMDKFSNDLSLCLPVFSRLRIPDDHAISDLSMYNYIEMRAHVNSSAAAL
EHHHHHH
;
_entity_poly.pdbx_strand_id   A,B
#
# COMPACT_ATOMS: atom_id res chain seq x y z
N ARG A 14 33.41 -18.59 22.27
CA ARG A 14 31.95 -18.26 22.28
C ARG A 14 31.76 -16.74 22.27
N LYS A 15 31.03 -16.24 21.28
CA LYS A 15 30.79 -14.81 21.17
C LYS A 15 29.46 -14.39 21.79
N LYS A 16 29.46 -13.24 22.46
CA LYS A 16 28.40 -12.85 23.37
C LYS A 16 27.40 -11.90 22.71
N VAL A 17 26.12 -12.28 22.73
CA VAL A 17 25.07 -11.49 22.09
C VAL A 17 24.03 -11.02 23.09
N ALA A 18 23.78 -9.71 23.12
CA ALA A 18 22.66 -9.16 23.85
C ALA A 18 21.47 -8.92 22.91
N VAL A 19 20.42 -9.72 23.07
CA VAL A 19 19.19 -9.52 22.32
C VAL A 19 18.22 -8.66 23.13
N ILE A 20 18.02 -7.43 22.68
CA ILE A 20 17.15 -6.49 23.38
C ILE A 20 15.71 -6.63 22.86
N GLY A 21 14.85 -7.22 23.68
CA GLY A 21 13.46 -7.43 23.32
C GLY A 21 13.13 -8.89 23.15
N GLY A 22 12.16 -9.37 23.93
CA GLY A 22 11.74 -10.77 23.87
C GLY A 22 10.36 -10.90 23.27
N GLY A 23 10.03 -10.00 22.35
CA GLY A 23 8.81 -10.09 21.58
C GLY A 23 8.92 -11.09 20.46
N LEU A 24 8.13 -10.89 19.41
CA LEU A 24 8.03 -11.84 18.31
C LEU A 24 9.38 -12.01 17.62
N VAL A 25 10.00 -10.90 17.23
CA VAL A 25 11.22 -10.94 16.44
C VAL A 25 12.44 -11.31 17.29
N GLY A 26 12.58 -10.65 18.44
CA GLY A 26 13.62 -10.99 19.39
C GLY A 26 13.68 -12.47 19.73
N SER A 27 12.54 -13.05 20.04
CA SER A 27 12.48 -14.47 20.40
C SER A 27 12.85 -15.36 19.21
N LEU A 28 12.40 -14.97 18.02
CA LEU A 28 12.74 -15.74 16.81
C LEU A 28 14.24 -15.69 16.60
N GLN A 29 14.82 -14.50 16.70
CA GLN A 29 16.24 -14.30 16.41
C GLN A 29 17.10 -15.07 17.40
N ALA A 30 16.66 -15.14 18.65
CA ALA A 30 17.33 -15.96 19.66
C ALA A 30 17.54 -17.38 19.16
N CYS A 31 16.49 -17.96 18.60
CA CYS A 31 16.55 -19.33 18.10
C CYS A 31 17.56 -19.46 16.96
N PHE A 32 17.55 -18.50 16.04
CA PHE A 32 18.47 -18.53 14.90
C PHE A 32 19.91 -18.43 15.36
N LEU A 33 20.17 -17.53 16.30
CA LEU A 33 21.52 -17.33 16.82
C LEU A 33 21.95 -18.50 17.70
N ALA A 34 21.01 -19.06 18.45
CA ALA A 34 21.30 -20.21 19.30
C ALA A 34 21.91 -21.36 18.51
N LYS A 35 21.40 -21.58 17.30
CA LYS A 35 21.90 -22.63 16.41
C LYS A 35 23.35 -22.41 16.04
N ARG A 36 23.81 -21.17 16.13
CA ARG A 36 25.16 -20.80 15.70
C ARG A 36 26.12 -20.72 16.87
N ASN A 37 25.75 -21.32 18.00
CA ASN A 37 26.63 -21.41 19.16
C ASN A 37 27.17 -20.04 19.58
N PHE A 38 26.28 -19.06 19.63
CA PHE A 38 26.58 -17.79 20.29
C PHE A 38 26.21 -17.91 21.77
N GLN A 39 26.72 -17.00 22.58
CA GLN A 39 26.24 -16.84 23.95
C GLN A 39 25.20 -15.72 24.03
N ILE A 40 23.93 -16.11 24.11
CA ILE A 40 22.85 -15.17 23.90
C ILE A 40 22.15 -14.86 25.22
N ASP A 41 22.05 -13.57 25.55
CA ASP A 41 21.24 -13.13 26.67
C ASP A 41 20.13 -12.19 26.21
N VAL A 42 18.88 -12.61 26.42
CA VAL A 42 17.71 -11.80 26.04
C VAL A 42 17.26 -10.92 27.20
N TYR A 43 16.98 -9.66 26.91
CA TYR A 43 16.55 -8.72 27.93
C TYR A 43 15.19 -8.11 27.61
N GLU A 44 14.16 -8.57 28.32
CA GLU A 44 12.78 -8.14 28.07
C GLU A 44 12.29 -7.29 29.24
N ALA A 45 11.86 -6.06 28.95
CA ALA A 45 11.39 -5.13 29.97
C ALA A 45 10.15 -5.65 30.67
N ARG A 46 9.27 -6.31 29.92
CA ARG A 46 8.04 -6.82 30.47
C ARG A 46 8.29 -8.12 31.21
N GLU A 47 7.29 -8.56 31.98
CA GLU A 47 7.39 -9.80 32.72
C GLU A 47 7.25 -10.99 31.78
N ASP A 48 7.69 -12.15 32.25
CA ASP A 48 7.42 -13.38 31.53
C ASP A 48 5.92 -13.57 31.38
N THR A 49 5.46 -13.62 30.13
CA THR A 49 4.05 -13.73 29.83
C THR A 49 3.53 -15.14 30.07
N ARG A 50 4.43 -16.11 30.12
CA ARG A 50 4.06 -17.51 30.30
C ARG A 50 3.61 -17.82 31.72
N VAL A 51 4.06 -17.00 32.67
CA VAL A 51 3.52 -17.03 34.02
C VAL A 51 2.47 -15.92 34.22
N ALA A 52 2.79 -14.72 33.76
CA ALA A 52 1.98 -13.54 34.01
C ALA A 52 1.39 -13.02 32.70
N SER A 59 -2.24 -5.82 19.63
CA SER A 59 -3.39 -6.62 19.20
C SER A 59 -3.30 -8.04 19.76
N ILE A 60 -4.39 -8.80 19.64
CA ILE A 60 -4.42 -10.18 20.12
C ILE A 60 -4.26 -11.19 18.99
N ASN A 61 -4.56 -10.77 17.76
CA ASN A 61 -4.39 -11.62 16.59
C ASN A 61 -3.38 -11.06 15.61
N LEU A 62 -2.81 -11.95 14.79
CA LEU A 62 -2.00 -11.54 13.65
C LEU A 62 -2.21 -12.50 12.49
N ALA A 63 -2.06 -11.99 11.27
CA ALA A 63 -2.00 -12.83 10.08
C ALA A 63 -0.56 -13.24 9.77
N LEU A 64 -0.29 -14.54 9.85
CA LEU A 64 1.01 -15.08 9.51
C LEU A 64 1.04 -15.50 8.04
N SER A 65 2.09 -15.09 7.34
CA SER A 65 2.15 -15.29 5.90
C SER A 65 3.04 -16.48 5.55
N HIS A 66 3.00 -16.88 4.28
CA HIS A 66 3.89 -17.89 3.74
C HIS A 66 5.36 -17.56 4.04
N ARG A 67 5.74 -16.30 3.86
CA ARG A 67 7.11 -15.86 4.10
C ARG A 67 7.47 -16.01 5.57
N GLY A 68 6.56 -15.60 6.45
CA GLY A 68 6.75 -15.77 7.87
C GLY A 68 6.90 -17.23 8.26
N ARG A 69 6.08 -18.08 7.65
CA ARG A 69 6.18 -19.53 7.85
C ARG A 69 7.60 -20.02 7.62
N GLN A 70 8.18 -19.62 6.49
CA GLN A 70 9.52 -20.10 6.11
C GLN A 70 10.51 -19.87 7.24
N ALA A 71 10.39 -18.74 7.92
CA ALA A 71 11.31 -18.40 9.00
C ALA A 71 11.13 -19.33 10.19
N LEU A 72 9.89 -19.68 10.50
CA LEU A 72 9.61 -20.62 11.58
C LEU A 72 10.09 -22.01 11.20
N LYS A 73 9.85 -22.40 9.95
CA LYS A 73 10.31 -23.69 9.45
C LYS A 73 11.83 -23.82 9.55
N ALA A 74 12.54 -22.73 9.28
CA ALA A 74 14.00 -22.73 9.33
C ALA A 74 14.52 -23.09 10.70
N VAL A 75 13.72 -22.83 11.74
CA VAL A 75 14.08 -23.24 13.09
C VAL A 75 13.15 -24.34 13.62
N GLY A 76 12.46 -25.01 12.70
CA GLY A 76 11.66 -26.18 13.03
C GLY A 76 10.54 -25.91 14.02
N LEU A 77 9.86 -24.78 13.86
CA LEU A 77 8.70 -24.46 14.71
C LEU A 77 7.39 -24.41 13.95
N GLU A 78 7.46 -24.44 12.62
CA GLU A 78 6.28 -24.21 11.78
C GLU A 78 5.08 -25.03 12.27
N ASP A 79 5.17 -26.35 12.16
CA ASP A 79 4.02 -27.21 12.40
C ASP A 79 3.45 -26.98 13.80
N GLN A 80 4.33 -26.74 14.76
CA GLN A 80 3.91 -26.37 16.11
C GLN A 80 2.95 -25.19 16.10
N ILE A 81 3.34 -24.13 15.40
CA ILE A 81 2.59 -22.88 15.39
C ILE A 81 1.40 -22.97 14.43
N VAL A 82 1.57 -23.71 13.33
CA VAL A 82 0.52 -23.81 12.32
C VAL A 82 -0.71 -24.55 12.84
N SER A 83 -0.49 -25.53 13.72
CA SER A 83 -1.58 -26.32 14.28
C SER A 83 -2.47 -25.47 15.19
N GLN A 84 -1.91 -24.38 15.72
CA GLN A 84 -2.67 -23.47 16.57
C GLN A 84 -3.37 -22.38 15.76
N GLY A 85 -3.17 -22.38 14.45
CA GLY A 85 -3.64 -21.27 13.61
C GLY A 85 -4.84 -21.65 12.75
N ILE A 86 -5.67 -20.65 12.46
CA ILE A 86 -6.83 -20.86 11.58
C ILE A 86 -6.57 -20.28 10.20
N PRO A 87 -6.65 -21.11 9.16
CA PRO A 87 -6.31 -20.67 7.81
C PRO A 87 -7.33 -19.72 7.24
N MET A 88 -6.87 -18.65 6.59
CA MET A 88 -7.73 -17.76 5.85
C MET A 88 -7.37 -17.79 4.37
N ARG A 89 -8.27 -18.33 3.55
CA ARG A 89 -7.96 -18.66 2.16
C ARG A 89 -8.58 -17.66 1.20
N ALA A 90 -9.28 -16.67 1.75
CA ALA A 90 -9.94 -15.66 0.94
C ALA A 90 -10.29 -14.46 1.80
N ARG A 91 -10.60 -13.33 1.15
CA ARG A 91 -11.18 -12.19 1.85
C ARG A 91 -12.70 -12.32 1.83
N MET A 92 -13.34 -11.93 2.93
CA MET A 92 -14.77 -11.62 2.91
C MET A 92 -15.00 -10.13 3.09
N ILE A 93 -15.56 -9.50 2.07
CA ILE A 93 -15.82 -8.07 2.10
C ILE A 93 -17.24 -7.79 2.59
N HIS A 94 -17.35 -6.94 3.60
CA HIS A 94 -18.65 -6.49 4.10
C HIS A 94 -18.89 -5.06 3.62
N SER A 95 -19.91 -4.89 2.78
CA SER A 95 -20.18 -3.62 2.15
C SER A 95 -21.01 -2.74 3.06
N LEU A 96 -21.17 -1.47 2.67
CA LEU A 96 -21.97 -0.52 3.43
C LEU A 96 -23.39 -1.01 3.73
N SER A 97 -23.98 -1.75 2.79
CA SER A 97 -25.35 -2.22 2.95
C SER A 97 -25.43 -3.45 3.85
N GLY A 98 -24.28 -3.95 4.31
CA GLY A 98 -24.25 -5.10 5.20
C GLY A 98 -24.18 -6.43 4.46
N LYS A 99 -23.92 -6.38 3.16
CA LYS A 99 -23.81 -7.59 2.34
C LYS A 99 -22.38 -8.10 2.29
N LYS A 100 -22.22 -9.42 2.17
CA LYS A 100 -20.91 -10.06 2.12
C LYS A 100 -20.59 -10.52 0.71
N SER A 101 -19.33 -10.39 0.30
CA SER A 101 -18.87 -10.99 -0.94
C SER A 101 -17.48 -11.59 -0.78
N ALA A 102 -17.27 -12.76 -1.35
CA ALA A 102 -16.02 -13.48 -1.20
C ALA A 102 -15.06 -13.12 -2.33
N ILE A 103 -13.80 -12.92 -1.97
CA ILE A 103 -12.75 -12.74 -2.94
C ILE A 103 -11.62 -13.68 -2.63
N PRO A 104 -11.44 -14.72 -3.46
CA PRO A 104 -10.32 -15.65 -3.32
C PRO A 104 -8.98 -14.95 -3.44
N TYR A 105 -7.97 -15.45 -2.75
CA TYR A 105 -6.59 -15.09 -3.04
C TYR A 105 -6.15 -15.77 -4.34
N GLY A 106 -5.53 -15.01 -5.22
CA GLY A 106 -5.01 -15.55 -6.48
C GLY A 106 -4.30 -16.86 -6.26
N THR A 107 -3.15 -16.80 -5.60
CA THR A 107 -2.30 -17.99 -5.44
C THR A 107 -2.45 -18.60 -4.06
N LYS A 108 -2.22 -19.90 -3.97
CA LYS A 108 -2.26 -20.60 -2.70
C LYS A 108 -1.23 -20.04 -1.72
N SER A 109 -0.19 -19.41 -2.25
CA SER A 109 0.88 -18.86 -1.43
C SER A 109 0.47 -17.55 -0.76
N GLN A 110 -0.68 -17.01 -1.15
CA GLN A 110 -1.21 -15.79 -0.54
C GLN A 110 -2.11 -16.10 0.65
N TYR A 111 -2.38 -17.39 0.89
CA TYR A 111 -3.13 -17.80 2.06
C TYR A 111 -2.44 -17.31 3.31
N ILE A 112 -3.23 -16.93 4.32
CA ILE A 112 -2.66 -16.46 5.57
C ILE A 112 -3.27 -17.21 6.75
N LEU A 113 -2.56 -17.17 7.87
CA LEU A 113 -2.93 -17.96 9.03
C LEU A 113 -3.17 -17.03 10.21
N SER A 114 -4.36 -17.11 10.80
CA SER A 114 -4.66 -16.34 12.01
C SER A 114 -4.05 -17.00 13.23
N VAL A 115 -3.22 -16.27 13.96
CA VAL A 115 -2.55 -16.82 15.12
C VAL A 115 -2.61 -15.86 16.31
N SER A 116 -2.67 -16.42 17.51
CA SER A 116 -2.64 -15.64 18.73
C SER A 116 -1.27 -14.99 18.89
N ARG A 117 -1.26 -13.67 19.07
CA ARG A 117 -0.01 -12.94 19.31
C ARG A 117 0.67 -13.47 20.56
N GLU A 118 -0.06 -13.48 21.66
CA GLU A 118 0.47 -13.89 22.96
C GLU A 118 1.08 -15.29 22.89
N ASN A 119 0.36 -16.23 22.29
CA ASN A 119 0.73 -17.64 22.34
C ASN A 119 1.87 -17.96 21.40
N LEU A 120 1.97 -17.20 20.31
CA LEU A 120 3.13 -17.26 19.44
C LEU A 120 4.36 -16.84 20.23
N ASN A 121 4.24 -15.73 20.95
CA ASN A 121 5.34 -15.23 21.77
C ASN A 121 5.72 -16.21 22.87
N LYS A 122 4.73 -16.86 23.47
CA LYS A 122 4.97 -17.91 24.45
C LYS A 122 5.76 -19.07 23.85
N ASP A 123 5.31 -19.57 22.70
CA ASP A 123 5.97 -20.70 22.05
C ASP A 123 7.39 -20.36 21.61
N LEU A 124 7.59 -19.15 21.11
CA LEU A 124 8.92 -18.73 20.65
C LEU A 124 9.89 -18.64 21.83
N LEU A 125 9.39 -18.20 22.97
CA LEU A 125 10.24 -18.04 24.16
C LEU A 125 10.68 -19.40 24.70
N THR A 126 9.74 -20.35 24.77
CA THR A 126 10.07 -21.70 25.23
C THR A 126 11.05 -22.36 24.27
N ALA A 127 10.85 -22.13 22.98
CA ALA A 127 11.74 -22.67 21.95
C ALA A 127 13.16 -22.12 22.10
N ALA A 128 13.27 -20.88 22.53
CA ALA A 128 14.57 -20.23 22.66
C ALA A 128 15.26 -20.64 23.96
N GLU A 129 14.48 -21.12 24.92
CA GLU A 129 15.05 -21.59 26.18
C GLU A 129 15.49 -23.04 26.08
N LYS A 130 14.85 -23.81 25.19
CA LYS A 130 15.28 -25.18 24.91
C LYS A 130 16.77 -25.22 24.58
N TYR A 131 17.36 -24.07 24.30
CA TYR A 131 18.77 -23.97 23.99
C TYR A 131 19.61 -23.69 25.23
N PRO A 132 20.66 -24.51 25.46
CA PRO A 132 21.61 -24.34 26.55
C PRO A 132 22.26 -22.96 26.59
N ASN A 133 22.51 -22.40 25.40
CA ASN A 133 23.27 -21.15 25.29
C ASN A 133 22.39 -19.90 25.28
N VAL A 134 21.15 -20.05 25.74
CA VAL A 134 20.21 -18.94 25.82
C VAL A 134 19.71 -18.76 27.25
N LYS A 135 19.82 -17.53 27.76
CA LYS A 135 19.28 -17.19 29.08
C LYS A 135 18.32 -16.01 28.96
N MET A 136 17.15 -16.16 29.55
CA MET A 136 16.12 -15.11 29.51
C MET A 136 16.26 -14.19 30.71
N HIS A 137 16.21 -12.88 30.47
CA HIS A 137 16.28 -11.89 31.52
C HIS A 137 15.06 -10.97 31.45
N PHE A 138 13.94 -11.44 32.01
CA PHE A 138 12.69 -10.68 32.01
C PHE A 138 12.73 -9.51 32.99
N ASN A 139 11.72 -8.67 32.95
CA ASN A 139 11.67 -7.48 33.80
C ASN A 139 12.98 -6.70 33.77
N HIS A 140 13.64 -6.69 32.61
CA HIS A 140 14.87 -5.94 32.43
C HIS A 140 14.73 -4.95 31.28
N ARG A 141 14.88 -3.67 31.59
CA ARG A 141 14.63 -2.61 30.63
C ARG A 141 15.94 -1.92 30.25
N LEU A 142 16.37 -2.08 29.00
CA LEU A 142 17.48 -1.31 28.48
C LEU A 142 17.19 0.18 28.67
N LEU A 143 17.97 0.82 29.53
CA LEU A 143 17.86 2.26 29.72
C LEU A 143 18.73 3.01 28.72
N CYS A 145 22.57 2.36 25.92
CA CYS A 145 23.65 1.52 25.43
C CYS A 145 24.72 2.34 24.72
N ASN A 146 25.90 1.75 24.57
CA ASN A 146 26.94 2.32 23.71
C ASN A 146 27.34 1.32 22.62
N PRO A 147 27.00 1.62 21.36
CA PRO A 147 27.30 0.76 20.22
C PRO A 147 28.79 0.42 20.08
N GLU A 148 29.61 1.44 19.84
CA GLU A 148 31.05 1.24 19.66
CA GLU A 148 31.04 1.23 19.65
C GLU A 148 31.66 0.47 20.82
N GLU A 149 31.21 0.78 22.03
CA GLU A 149 31.81 0.23 23.25
C GLU A 149 31.30 -1.17 23.56
N GLY A 150 30.25 -1.60 22.86
CA GLY A 150 29.69 -2.94 23.05
C GLY A 150 29.10 -3.13 24.43
N MET A 151 28.67 -2.03 25.04
CA MET A 151 28.19 -2.06 26.41
C MET A 151 26.74 -1.57 26.47
N ILE A 152 25.94 -2.21 27.32
CA ILE A 152 24.55 -1.82 27.50
C ILE A 152 24.28 -1.50 28.97
N THR A 153 23.25 -0.70 29.21
CA THR A 153 22.83 -0.38 30.58
C THR A 153 21.40 -0.85 30.80
N VAL A 154 21.23 -1.93 31.56
CA VAL A 154 19.91 -2.50 31.81
C VAL A 154 19.46 -2.22 33.24
N LEU A 155 18.18 -2.47 33.52
CA LEU A 155 17.59 -2.18 34.82
C LEU A 155 16.60 -3.27 35.22
N GLY A 156 17.00 -4.09 36.18
CA GLY A 156 16.12 -5.14 36.71
C GLY A 156 15.12 -4.59 37.70
N SER A 157 14.34 -5.48 38.31
CA SER A 157 13.37 -5.09 39.33
C SER A 157 14.09 -4.57 40.57
N ASP A 158 15.19 -5.23 40.94
CA ASP A 158 16.06 -4.75 42.02
C ASP A 158 16.48 -3.30 41.81
N LYS A 159 16.42 -2.84 40.56
CA LYS A 159 16.51 -1.41 40.26
C LYS A 159 17.91 -0.88 40.50
N VAL A 160 18.91 -1.72 40.28
CA VAL A 160 20.31 -1.32 40.32
C VAL A 160 20.88 -1.29 38.90
N PRO A 161 21.00 -0.09 38.31
CA PRO A 161 21.59 -0.01 36.98
C PRO A 161 22.93 -0.74 36.92
N LYS A 162 22.94 -1.91 36.27
CA LYS A 162 24.16 -2.67 36.07
C LYS A 162 24.52 -2.69 34.59
N ASP A 163 25.80 -2.50 34.30
CA ASP A 163 26.27 -2.40 32.92
C ASP A 163 27.03 -3.66 32.54
N VAL A 164 26.74 -4.19 31.36
CA VAL A 164 27.40 -5.39 30.88
C VAL A 164 27.87 -5.25 29.43
N THR A 165 28.96 -5.92 29.11
CA THR A 165 29.57 -5.82 27.79
C THR A 165 29.06 -6.94 26.90
N CYS A 166 29.20 -6.77 25.59
CA CYS A 166 28.82 -7.82 24.64
C CYS A 166 29.51 -7.60 23.29
N ASP A 167 29.50 -8.64 22.47
CA ASP A 167 30.10 -8.56 21.14
C ASP A 167 29.12 -8.02 20.12
N LEU A 168 27.87 -8.47 20.18
CA LEU A 168 26.83 -8.02 19.26
C LEU A 168 25.58 -7.58 20.02
N ILE A 169 25.08 -6.39 19.68
CA ILE A 169 23.78 -5.92 20.17
C ILE A 169 22.71 -6.04 19.09
N VAL A 170 21.69 -6.84 19.36
CA VAL A 170 20.57 -7.01 18.45
C VAL A 170 19.37 -6.20 18.96
N GLY A 171 19.13 -5.05 18.33
CA GLY A 171 17.95 -4.24 18.66
C GLY A 171 16.66 -4.87 18.14
N CYS A 172 16.04 -5.70 18.98
CA CYS A 172 14.72 -6.27 18.69
C CYS A 172 13.65 -5.68 19.61
N ASP A 173 13.80 -4.39 19.94
CA ASP A 173 13.00 -3.77 21.00
C ASP A 173 11.89 -2.89 20.41
N GLY A 174 11.35 -3.30 19.26
CA GLY A 174 10.02 -2.88 18.83
C GLY A 174 9.96 -1.46 18.32
N ALA A 175 8.74 -0.98 18.09
CA ALA A 175 8.53 0.24 17.30
C ALA A 175 9.09 1.49 17.97
N TYR A 176 9.29 1.44 19.29
CA TYR A 176 9.90 2.56 20.02
C TYR A 176 11.30 2.19 20.51
N SER A 177 12.09 1.59 19.62
CA SER A 177 13.35 0.98 20.01
C SER A 177 14.27 1.95 20.74
N THR A 178 14.70 1.58 21.93
CA THR A 178 15.71 2.35 22.66
C THR A 178 17.08 2.19 21.98
N VAL A 179 17.36 1.00 21.48
CA VAL A 179 18.57 0.76 20.72
C VAL A 179 18.63 1.68 19.50
N ARG A 180 17.50 1.83 18.81
CA ARG A 180 17.43 2.69 17.64
C ARG A 180 17.70 4.15 18.01
N SER A 181 17.16 4.58 19.15
CA SER A 181 17.34 5.96 19.59
C SER A 181 18.82 6.32 19.76
N HIS A 182 19.65 5.30 19.96
CA HIS A 182 21.09 5.51 20.15
C HIS A 182 21.86 5.46 18.83
N LEU A 183 21.29 4.81 17.82
CA LEU A 183 21.96 4.69 16.52
C LEU A 183 21.64 5.85 15.59
N MET A 184 20.60 6.61 15.91
CA MET A 184 20.18 7.73 15.07
C MET A 184 20.96 8.99 15.44
N LYS A 186 20.84 13.29 15.48
CA LYS A 186 19.80 14.17 16.01
C LYS A 186 19.97 15.60 15.47
N PRO A 187 19.23 15.93 14.40
CA PRO A 187 19.54 17.08 13.54
C PRO A 187 19.35 18.44 14.22
N ARG A 188 19.57 19.51 13.46
CA ARG A 188 19.43 20.87 13.96
C ARG A 188 18.09 21.08 14.66
N PHE A 189 17.02 21.14 13.86
CA PHE A 189 15.68 21.27 14.39
C PHE A 189 14.83 20.07 13.99
N ASP A 190 14.47 19.25 14.97
CA ASP A 190 13.74 18.01 14.71
C ASP A 190 12.33 18.31 14.20
N TYR A 191 12.17 18.34 12.88
CA TYR A 191 10.86 18.55 12.26
C TYR A 191 10.23 17.21 11.87
N SER A 192 10.16 16.29 12.83
CA SER A 192 9.85 14.89 12.54
C SER A 192 8.64 14.44 13.37
N GLN A 193 7.51 14.26 12.70
CA GLN A 193 6.31 13.71 13.35
C GLN A 193 6.51 12.22 13.62
N GLN A 194 6.14 11.77 14.81
CA GLN A 194 6.28 10.36 15.17
C GLN A 194 5.07 9.56 14.70
N TYR A 195 3.88 9.99 15.13
CA TYR A 195 2.67 9.20 14.97
C TYR A 195 1.94 9.55 13.69
N ILE A 196 1.21 8.59 13.13
CA ILE A 196 0.28 8.88 12.05
C ILE A 196 -1.09 9.28 12.60
N PRO A 197 -1.92 9.91 11.76
CA PRO A 197 -3.21 10.42 12.21
C PRO A 197 -4.26 9.35 12.45
N HIS A 198 -3.96 8.11 12.06
CA HIS A 198 -4.88 7.00 12.30
C HIS A 198 -4.59 6.31 13.64
N GLY A 199 -5.65 5.91 14.32
CA GLY A 199 -5.53 5.04 15.49
C GLY A 199 -6.33 3.77 15.32
N TYR A 200 -6.15 2.83 16.23
CA TYR A 200 -6.86 1.56 16.13
C TYR A 200 -7.43 1.11 17.47
N MET A 201 -8.45 0.27 17.40
CA MET A 201 -9.15 -0.19 18.58
C MET A 201 -9.67 -1.60 18.35
N GLU A 202 -9.55 -2.44 19.38
CA GLU A 202 -9.90 -3.83 19.26
C GLU A 202 -11.29 -4.11 19.83
N LEU A 203 -12.08 -4.90 19.11
CA LEU A 203 -13.35 -5.38 19.63
C LEU A 203 -13.42 -6.89 19.44
N THR A 204 -14.51 -7.49 19.88
CA THR A 204 -14.68 -8.94 19.77
C THR A 204 -16.06 -9.28 19.22
N ILE A 205 -16.07 -10.15 18.21
CA ILE A 205 -17.27 -10.86 17.82
C ILE A 205 -17.26 -12.21 18.51
N PRO A 206 -18.14 -12.41 19.51
CA PRO A 206 -18.10 -13.63 20.28
C PRO A 206 -18.79 -14.77 19.54
N PRO A 207 -18.64 -16.00 20.04
CA PRO A 207 -19.26 -17.15 19.37
C PRO A 207 -20.78 -17.08 19.40
N LYS A 208 -21.42 -17.74 18.44
CA LYS A 208 -22.85 -17.95 18.48
C LYS A 208 -23.15 -19.44 18.60
N ASN A 209 -23.83 -19.83 19.68
CA ASN A 209 -24.10 -21.23 19.97
C ASN A 209 -22.82 -22.04 19.99
N GLY A 210 -21.83 -21.56 20.75
CA GLY A 210 -20.55 -22.24 20.89
C GLY A 210 -19.84 -22.45 19.57
N ASP A 211 -20.06 -21.54 18.62
CA ASP A 211 -19.43 -21.66 17.30
C ASP A 211 -19.24 -20.30 16.63
N TYR A 212 -18.55 -20.29 15.50
CA TYR A 212 -18.22 -19.06 14.79
C TYR A 212 -19.48 -18.36 14.31
N ALA A 213 -19.59 -17.07 14.63
CA ALA A 213 -20.75 -16.27 14.22
C ALA A 213 -20.68 -15.86 12.75
N MET A 214 -19.52 -16.03 12.12
CA MET A 214 -19.40 -15.89 10.67
C MET A 214 -18.43 -16.92 10.12
N GLU A 215 -18.21 -16.88 8.81
CA GLU A 215 -17.31 -17.81 8.14
C GLU A 215 -15.89 -17.67 8.69
N PRO A 216 -15.35 -18.75 9.26
CA PRO A 216 -14.06 -18.72 9.94
C PRO A 216 -12.82 -18.58 9.04
N ASN A 217 -12.85 -19.19 7.85
CA ASN A 217 -11.63 -19.27 7.03
C ASN A 217 -11.49 -18.13 6.05
N TYR A 218 -11.95 -16.94 6.47
CA TYR A 218 -11.81 -15.72 5.69
C TYR A 218 -11.12 -14.65 6.53
N LEU A 219 -10.39 -13.75 5.88
CA LEU A 219 -10.11 -12.44 6.44
C LEU A 219 -11.27 -11.51 6.12
N HIS A 220 -12.02 -11.13 7.16
CA HIS A 220 -13.19 -10.28 6.97
C HIS A 220 -12.79 -8.82 7.00
N ILE A 221 -13.33 -8.05 6.07
CA ILE A 221 -12.93 -6.67 5.88
C ILE A 221 -14.17 -5.81 5.67
N TRP A 222 -14.27 -4.74 6.45
CA TRP A 222 -15.25 -3.69 6.21
C TRP A 222 -14.51 -2.47 5.66
N PRO A 223 -14.30 -2.42 4.34
CA PRO A 223 -13.56 -1.30 3.80
C PRO A 223 -14.45 -0.07 3.70
N ARG A 224 -13.98 1.04 4.27
CA ARG A 224 -14.54 2.34 3.93
C ARG A 224 -13.38 3.23 3.48
N ASN A 225 -13.70 4.42 3.02
CA ASN A 225 -12.69 5.26 2.42
C ASN A 225 -11.56 5.48 3.41
N THR A 226 -11.78 6.34 4.39
CA THR A 226 -10.71 6.80 5.27
C THR A 226 -10.63 5.97 6.54
N PHE A 227 -11.50 4.98 6.67
CA PHE A 227 -11.42 4.05 7.80
C PHE A 227 -11.92 2.66 7.41
N MET A 228 -11.71 1.70 8.31
CA MET A 228 -12.02 0.31 8.02
C MET A 228 -11.96 -0.53 9.29
N MET A 229 -12.66 -1.66 9.26
CA MET A 229 -12.53 -2.67 10.31
C MET A 229 -12.08 -3.97 9.65
N ILE A 230 -11.37 -4.80 10.40
CA ILE A 230 -11.06 -6.16 9.98
C ILE A 230 -11.35 -7.14 11.10
N ALA A 231 -11.54 -8.41 10.75
CA ALA A 231 -11.80 -9.44 11.75
C ALA A 231 -11.05 -10.72 11.41
N LEU A 232 -10.33 -11.26 12.38
CA LEU A 232 -9.65 -12.53 12.25
C LEU A 232 -10.21 -13.53 13.27
N PRO A 233 -10.30 -14.80 12.88
CA PRO A 233 -10.90 -15.82 13.75
C PRO A 233 -9.95 -16.24 14.85
N ASN A 234 -10.49 -16.66 15.98
CA ASN A 234 -9.72 -17.22 17.08
C ASN A 234 -10.04 -18.70 17.28
N MET A 235 -9.15 -19.42 17.95
CA MET A 235 -9.36 -20.83 18.26
C MET A 235 -10.59 -21.05 19.14
N ASN A 236 -10.90 -20.10 20.00
CA ASN A 236 -12.05 -20.21 20.90
C ASN A 236 -13.35 -19.78 20.24
N LYS A 237 -13.39 -19.79 18.90
CA LYS A 237 -14.64 -19.65 18.15
C LYS A 237 -15.16 -18.22 18.13
N SER A 238 -14.33 -17.27 18.53
CA SER A 238 -14.64 -15.84 18.40
C SER A 238 -13.81 -15.23 17.28
N PHE A 239 -14.13 -14.01 16.89
CA PHE A 239 -13.25 -13.20 16.04
C PHE A 239 -12.81 -11.96 16.81
N THR A 240 -11.53 -11.60 16.68
CA THR A 240 -11.08 -10.29 17.13
C THR A 240 -11.21 -9.28 15.99
N CYS A 241 -11.86 -8.16 16.28
CA CYS A 241 -11.98 -7.07 15.32
C CYS A 241 -10.92 -6.03 15.60
N THR A 242 -10.46 -5.38 14.55
CA THR A 242 -9.65 -4.19 14.70
C THR A 242 -10.21 -3.08 13.84
N LEU A 243 -10.47 -1.94 14.47
CA LEU A 243 -11.07 -0.80 13.80
C LEU A 243 -9.98 0.25 13.62
N PHE A 244 -9.74 0.65 12.38
CA PHE A 244 -8.73 1.65 12.06
C PHE A 244 -9.41 2.90 11.57
N MET A 245 -9.17 4.01 12.25
CA MET A 245 -9.89 5.24 11.97
C MET A 245 -8.96 6.41 12.27
N PRO A 246 -9.13 7.52 11.55
CA PRO A 246 -8.48 8.75 11.98
C PRO A 246 -8.92 9.13 13.40
N PHE A 247 -8.02 9.72 14.18
CA PHE A 247 -8.41 10.21 15.51
C PHE A 247 -9.50 11.26 15.39
N GLU A 248 -9.46 12.04 14.31
CA GLU A 248 -10.53 12.98 13.99
C GLU A 248 -11.92 12.34 14.07
N GLU A 249 -12.04 11.07 13.70
CA GLU A 249 -13.32 10.36 13.77
C GLU A 249 -13.58 9.81 15.16
N PHE A 250 -12.58 9.17 15.75
CA PHE A 250 -12.72 8.67 17.12
C PHE A 250 -13.18 9.80 18.02
N GLU A 251 -12.63 10.99 17.83
CA GLU A 251 -12.91 12.15 18.66
C GLU A 251 -14.41 12.42 18.76
N LYS A 252 -15.14 12.13 17.70
CA LYS A 252 -16.56 12.48 17.61
C LYS A 252 -17.45 11.45 18.31
N LEU A 253 -16.88 10.33 18.73
CA LEU A 253 -17.68 9.25 19.31
C LEU A 253 -17.57 9.29 20.82
N LEU A 254 -18.37 10.14 21.44
CA LEU A 254 -18.22 10.45 22.86
C LEU A 254 -19.13 9.59 23.71
N THR A 255 -20.29 9.23 23.17
CA THR A 255 -21.29 8.49 23.93
C THR A 255 -21.54 7.11 23.34
N SER A 256 -22.22 6.27 24.10
CA SER A 256 -22.69 5.00 23.61
C SER A 256 -23.62 5.18 22.41
N ASN A 257 -24.46 6.21 22.47
CA ASN A 257 -25.36 6.51 21.37
C ASN A 257 -24.59 6.88 20.10
N ASP A 258 -23.51 7.63 20.27
CA ASP A 258 -22.65 7.99 19.14
C ASP A 258 -22.09 6.72 18.49
N VAL A 259 -21.58 5.83 19.34
CA VAL A 259 -20.94 4.62 18.85
C VAL A 259 -21.94 3.74 18.10
N VAL A 260 -23.08 3.45 18.74
CA VAL A 260 -24.13 2.64 18.12
C VAL A 260 -24.61 3.26 16.81
N ASP A 261 -24.79 4.58 16.82
CA ASP A 261 -25.18 5.29 15.60
C ASP A 261 -24.15 5.08 14.50
N PHE A 262 -22.88 5.31 14.83
CA PHE A 262 -21.79 5.16 13.88
C PHE A 262 -21.83 3.77 13.25
N PHE A 263 -21.93 2.76 14.10
CA PHE A 263 -21.94 1.38 13.64
C PHE A 263 -23.18 0.99 12.86
N GLN A 264 -24.33 1.55 13.24
CA GLN A 264 -25.55 1.36 12.45
CA GLN A 264 -25.56 1.36 12.46
C GLN A 264 -25.37 1.91 11.05
N LYS A 265 -24.65 3.03 10.95
CA LYS A 265 -24.51 3.73 9.68
C LYS A 265 -23.43 3.11 8.78
N TYR A 266 -22.33 2.65 9.38
CA TYR A 266 -21.16 2.25 8.60
C TYR A 266 -20.85 0.75 8.66
N PHE A 267 -21.25 0.10 9.75
CA PHE A 267 -21.02 -1.33 9.91
C PHE A 267 -22.30 -2.02 10.37
N PRO A 268 -23.41 -1.81 9.65
CA PRO A 268 -24.73 -2.29 10.06
C PRO A 268 -24.76 -3.76 10.51
N ASP A 269 -24.06 -4.65 9.81
CA ASP A 269 -24.11 -6.06 10.15
C ASP A 269 -23.29 -6.39 11.41
N ALA A 270 -22.44 -5.46 11.83
CA ALA A 270 -21.51 -5.73 12.93
C ALA A 270 -22.21 -5.78 14.30
N ILE A 271 -23.21 -4.93 14.48
CA ILE A 271 -23.87 -4.81 15.79
C ILE A 271 -24.47 -6.14 16.25
N PRO A 272 -25.29 -6.77 15.39
CA PRO A 272 -25.76 -8.13 15.66
C PRO A 272 -24.65 -9.12 16.00
N LEU A 273 -23.49 -9.01 15.35
CA LEU A 273 -22.41 -9.99 15.55
C LEU A 273 -21.70 -9.75 16.88
N ILE A 274 -21.45 -8.49 17.19
CA ILE A 274 -20.73 -8.13 18.40
C ILE A 274 -21.70 -8.10 19.59
N GLY A 275 -22.91 -7.61 19.36
CA GLY A 275 -23.85 -7.31 20.43
C GLY A 275 -23.70 -5.89 20.93
N GLU A 276 -24.81 -5.21 21.10
CA GLU A 276 -24.80 -3.77 21.34
C GLU A 276 -24.13 -3.44 22.68
N LYS A 277 -24.55 -4.12 23.74
CA LYS A 277 -23.95 -3.94 25.07
C LYS A 277 -22.44 -4.10 24.99
N LEU A 278 -22.01 -5.24 24.45
CA LEU A 278 -20.61 -5.62 24.44
C LEU A 278 -19.82 -4.56 23.68
N LEU A 279 -20.36 -4.11 22.55
CA LEU A 279 -19.73 -3.10 21.73
C LEU A 279 -19.45 -1.84 22.54
N VAL A 280 -20.47 -1.34 23.23
CA VAL A 280 -20.35 -0.08 23.98
C VAL A 280 -19.40 -0.24 25.16
N GLN A 281 -19.45 -1.40 25.82
CA GLN A 281 -18.50 -1.70 26.88
C GLN A 281 -17.07 -1.64 26.34
N ASP A 282 -16.79 -2.43 25.31
CA ASP A 282 -15.42 -2.61 24.83
C ASP A 282 -14.88 -1.36 24.13
N PHE A 283 -15.76 -0.59 23.50
CA PHE A 283 -15.34 0.63 22.81
C PHE A 283 -14.69 1.65 23.76
N PHE A 284 -15.14 1.68 25.02
CA PHE A 284 -14.71 2.72 25.95
C PHE A 284 -13.80 2.21 27.07
N LEU A 285 -13.25 1.02 26.88
CA LEU A 285 -12.21 0.51 27.78
C LEU A 285 -10.94 1.34 27.71
N LEU A 286 -10.63 1.86 26.53
CA LEU A 286 -9.39 2.61 26.32
C LEU A 286 -9.60 3.63 25.20
N PRO A 287 -8.75 4.66 25.18
CA PRO A 287 -8.65 5.45 23.95
C PRO A 287 -8.16 4.59 22.79
N ALA A 288 -8.44 5.03 21.57
CA ALA A 288 -7.81 4.45 20.39
C ALA A 288 -6.30 4.52 20.50
N GLN A 289 -5.63 3.49 20.00
CA GLN A 289 -4.19 3.34 20.14
C GLN A 289 -3.47 3.95 18.93
N PRO A 290 -2.52 4.84 19.17
CA PRO A 290 -1.81 5.48 18.07
C PRO A 290 -0.81 4.55 17.41
N MET A 291 -0.33 4.93 16.22
CA MET A 291 0.58 4.09 15.44
C MET A 291 1.68 4.92 14.83
N ILE A 292 2.87 4.34 14.72
CA ILE A 292 4.00 5.04 14.09
C ILE A 292 4.44 4.37 12.80
N SER A 293 4.79 5.20 11.82
CA SER A 293 5.35 4.74 10.57
C SER A 293 6.79 5.24 10.44
N VAL A 294 7.75 4.37 10.72
CA VAL A 294 9.17 4.74 10.59
C VAL A 294 9.98 3.70 9.85
N CYS A 296 14.35 3.11 9.03
CA CYS A 296 15.72 3.58 9.22
C CYS A 296 16.51 3.57 7.91
N SER A 297 17.37 4.57 7.74
CA SER A 297 18.29 4.62 6.60
C SER A 297 19.23 3.41 6.59
N SER A 298 19.46 2.83 7.75
CA SER A 298 20.35 1.68 7.88
C SER A 298 19.94 0.84 9.09
N PHE A 299 20.17 -0.47 9.02
CA PHE A 299 19.74 -1.37 10.08
C PHE A 299 20.90 -1.86 10.95
N HIS A 300 22.05 -1.19 10.86
CA HIS A 300 23.26 -1.68 11.50
C HIS A 300 24.21 -0.54 11.85
N PHE A 301 24.99 -0.75 12.91
CA PHE A 301 26.13 0.12 13.20
C PHE A 301 27.43 -0.68 13.16
N SER A 303 30.10 -3.06 13.18
CA SER A 303 29.99 -4.51 13.30
C SER A 303 29.44 -4.92 14.67
N HIS A 304 28.98 -3.94 15.44
CA HIS A 304 28.60 -4.17 16.84
C HIS A 304 27.09 -4.29 17.04
N CYS A 305 26.29 -3.70 16.15
CA CYS A 305 24.87 -3.52 16.40
CA CYS A 305 24.86 -3.51 16.39
C CYS A 305 24.03 -3.68 15.12
N VAL A 306 22.97 -4.47 15.21
CA VAL A 306 22.02 -4.63 14.11
C VAL A 306 20.58 -4.51 14.63
N LEU A 307 19.70 -3.96 13.79
CA LEU A 307 18.28 -3.83 14.12
C LEU A 307 17.44 -4.79 13.30
N LEU A 308 16.51 -5.48 13.96
CA LEU A 308 15.52 -6.29 13.27
C LEU A 308 14.11 -5.96 13.77
N GLY A 309 13.11 -6.36 12.99
CA GLY A 309 11.71 -6.12 13.34
C GLY A 309 11.35 -4.65 13.27
N ASP A 310 10.45 -4.24 14.16
CA ASP A 310 9.90 -2.89 14.12
C ASP A 310 10.95 -1.86 14.48
N ALA A 311 12.03 -2.28 15.14
CA ALA A 311 13.12 -1.38 15.47
C ALA A 311 13.76 -0.83 14.20
N ALA A 312 13.88 -1.67 13.19
CA ALA A 312 14.44 -1.26 11.90
C ALA A 312 13.36 -0.63 11.02
N HIS A 313 12.22 -1.31 10.93
CA HIS A 313 11.11 -0.82 10.11
C HIS A 313 9.77 -1.05 10.82
N ALA A 314 9.22 0.04 11.37
CA ALA A 314 7.90 -0.02 11.99
C ALA A 314 6.84 0.20 10.92
N ILE A 315 6.20 -0.89 10.52
CA ILE A 315 5.30 -0.90 9.39
C ILE A 315 3.87 -0.90 9.91
N VAL A 316 3.15 0.17 9.66
CA VAL A 316 1.72 0.21 9.98
C VAL A 316 0.97 -0.74 9.06
N PRO A 317 -0.06 -1.43 9.59
CA PRO A 317 -0.80 -2.45 8.86
C PRO A 317 -1.40 -2.02 7.50
N PHE A 318 -1.56 -0.71 7.28
CA PHE A 318 -2.06 -0.23 5.99
C PHE A 318 -1.07 -0.49 4.87
N PHE A 319 0.22 -0.50 5.21
CA PHE A 319 1.26 -0.58 4.20
C PHE A 319 2.00 -1.91 4.24
N GLY A 320 1.70 -2.76 5.22
CA GLY A 320 2.17 -4.14 5.19
C GLY A 320 2.19 -4.87 6.52
N GLN A 321 3.09 -5.85 6.62
CA GLN A 321 2.96 -6.96 7.54
C GLN A 321 4.18 -7.02 8.43
N GLY A 322 4.15 -6.29 9.53
CA GLY A 322 5.34 -6.04 10.35
C GLY A 322 5.98 -7.30 10.89
N MET A 323 5.17 -8.20 11.45
CA MET A 323 5.69 -9.45 12.01
C MET A 323 6.39 -10.26 10.92
N ASN A 324 5.69 -10.46 9.81
CA ASN A 324 6.21 -11.27 8.72
C ASN A 324 7.50 -10.68 8.17
N ALA A 325 7.55 -9.35 8.09
CA ALA A 325 8.74 -8.64 7.67
C ALA A 325 9.90 -8.89 8.64
N GLY A 326 9.61 -8.81 9.93
CA GLY A 326 10.62 -9.04 10.96
C GLY A 326 11.10 -10.48 10.94
N PHE A 327 10.18 -11.39 10.67
CA PHE A 327 10.50 -12.80 10.62
C PHE A 327 11.41 -13.07 9.42
N GLU A 328 11.11 -12.43 8.30
CA GLU A 328 11.98 -12.50 7.12
C GLU A 328 13.33 -11.84 7.37
N ASP A 329 13.33 -10.77 8.16
CA ASP A 329 14.59 -10.17 8.63
C ASP A 329 15.49 -11.25 9.20
N CYS A 330 14.94 -12.09 10.06
CA CYS A 330 15.70 -13.14 10.70
C CYS A 330 16.22 -14.13 9.66
N LEU A 331 15.32 -14.57 8.78
CA LEU A 331 15.67 -15.55 7.75
C LEU A 331 16.82 -15.04 6.88
N VAL A 332 16.66 -13.83 6.36
CA VAL A 332 17.67 -13.23 5.50
C VAL A 332 19.00 -13.06 6.24
N PHE A 333 18.93 -12.62 7.49
CA PHE A 333 20.13 -12.49 8.32
C PHE A 333 20.85 -13.83 8.47
N ASP A 334 20.08 -14.88 8.69
CA ASP A 334 20.63 -16.21 8.90
C ASP A 334 21.28 -16.74 7.62
N GLU A 335 20.70 -16.38 6.47
CA GLU A 335 21.27 -16.76 5.19
C GLU A 335 22.60 -16.05 4.94
N LEU A 336 22.69 -14.79 5.36
CA LEU A 336 23.95 -14.06 5.29
C LEU A 336 25.01 -14.66 6.20
N MET A 337 24.60 -15.18 7.35
CA MET A 337 25.54 -15.78 8.30
C MET A 337 26.17 -17.05 7.71
N ASP A 338 25.34 -17.93 7.17
CA ASP A 338 25.82 -19.05 6.36
C ASP A 338 26.79 -18.55 5.31
N LYS A 339 26.33 -17.60 4.50
CA LYS A 339 27.08 -17.11 3.36
C LYS A 339 28.45 -16.58 3.77
N PHE A 340 28.51 -15.82 4.86
CA PHE A 340 29.73 -15.12 5.26
C PHE A 340 30.36 -15.73 6.52
N SER A 341 29.99 -16.97 6.83
CA SER A 341 30.62 -17.72 7.91
C SER A 341 30.70 -16.88 9.19
N ASN A 342 29.54 -16.37 9.63
CA ASN A 342 29.43 -15.70 10.92
C ASN A 342 30.31 -14.47 11.06
N ASP A 343 30.81 -13.96 9.94
CA ASP A 343 31.58 -12.72 9.97
C ASP A 343 30.60 -11.54 10.01
N LEU A 344 30.53 -10.91 11.18
CA LEU A 344 29.58 -9.83 11.42
C LEU A 344 30.00 -8.55 10.71
N SER A 345 31.30 -8.32 10.63
CA SER A 345 31.83 -7.19 9.87
C SER A 345 31.21 -7.13 8.48
N LEU A 346 30.86 -8.30 7.94
CA LEU A 346 30.28 -8.38 6.60
C LEU A 346 28.76 -8.51 6.64
N CYS A 347 28.27 -9.41 7.50
CA CYS A 347 26.84 -9.71 7.54
CA CYS A 347 26.84 -9.71 7.53
C CYS A 347 26.02 -8.46 7.77
N LEU A 348 26.43 -7.65 8.75
CA LEU A 348 25.67 -6.47 9.13
C LEU A 348 25.47 -5.50 7.97
N PRO A 349 26.57 -4.94 7.44
CA PRO A 349 26.41 -3.94 6.39
C PRO A 349 25.63 -4.49 5.19
N VAL A 350 25.87 -5.75 4.86
CA VAL A 350 25.22 -6.36 3.71
C VAL A 350 23.73 -6.58 4.00
N PHE A 351 23.43 -6.91 5.25
CA PHE A 351 22.04 -7.01 5.72
C PHE A 351 21.28 -5.73 5.42
N SER A 352 21.78 -4.60 5.89
CA SER A 352 21.18 -3.31 5.59
C SER A 352 20.88 -3.18 4.11
N ARG A 353 21.88 -3.44 3.27
CA ARG A 353 21.77 -3.17 1.84
C ARG A 353 20.75 -4.05 1.17
N LEU A 354 20.59 -5.28 1.65
CA LEU A 354 19.72 -6.26 1.01
C LEU A 354 18.29 -6.21 1.55
N ARG A 355 18.10 -5.78 2.79
CA ARG A 355 16.75 -5.75 3.36
C ARG A 355 15.99 -4.50 2.93
N ILE A 356 16.63 -3.35 3.03
CA ILE A 356 15.96 -2.07 2.81
C ILE A 356 15.13 -2.00 1.50
N PRO A 357 15.64 -2.60 0.41
CA PRO A 357 14.90 -2.62 -0.86
C PRO A 357 13.83 -3.73 -0.99
N ASP A 358 13.34 -4.26 0.12
CA ASP A 358 12.24 -5.23 0.08
C ASP A 358 10.90 -4.56 0.35
N ASP A 359 10.45 -3.73 -0.59
CA ASP A 359 9.21 -2.97 -0.42
C ASP A 359 8.21 -3.29 -1.53
N SER A 363 -1.62 -5.06 0.71
CA SER A 363 -2.53 -3.95 0.42
C SER A 363 -4.00 -4.37 0.57
N ASP A 364 -4.23 -5.44 1.30
CA ASP A 364 -5.59 -5.80 1.73
C ASP A 364 -6.24 -4.65 2.50
N LEU A 365 -5.43 -3.90 3.23
CA LEU A 365 -5.95 -2.88 4.15
C LEU A 365 -5.73 -1.46 3.62
N SER A 366 -5.82 -1.28 2.31
CA SER A 366 -5.82 0.06 1.76
C SER A 366 -7.16 0.74 1.98
N MET A 367 -7.19 2.05 1.79
N MET A 367 -7.16 2.07 1.78
CA MET A 367 -8.41 2.80 1.98
CA MET A 367 -8.35 2.91 1.91
C MET A 367 -9.15 2.91 0.65
C MET A 367 -9.13 2.91 0.60
N TYR A 368 -10.38 2.44 0.62
CA TYR A 368 -11.23 2.54 -0.58
C TYR A 368 -12.72 2.42 -0.29
N ASN A 369 -13.53 3.05 -1.13
CA ASN A 369 -14.95 2.75 -1.21
C ASN A 369 -15.19 1.50 -2.05
N TYR A 370 -16.00 0.59 -1.51
CA TYR A 370 -16.38 -0.62 -2.22
C TYR A 370 -17.77 -0.46 -2.81
N ILE A 371 -17.85 -0.32 -4.13
CA ILE A 371 -19.13 -0.09 -4.81
C ILE A 371 -19.83 -1.40 -5.17
N GLU A 372 -21.05 -1.58 -4.65
CA GLU A 372 -21.83 -2.76 -4.97
C GLU A 372 -22.46 -2.64 -6.35
N MET A 373 -22.17 -3.61 -7.22
CA MET A 373 -22.68 -3.61 -8.58
CA MET A 373 -22.68 -3.60 -8.57
C MET A 373 -23.83 -4.60 -8.72
N ARG A 374 -24.65 -4.42 -9.75
CA ARG A 374 -25.66 -5.40 -10.12
C ARG A 374 -25.06 -6.71 -10.66
N ALA A 375 -24.04 -6.60 -11.51
CA ALA A 375 -23.43 -7.76 -12.20
C ALA A 375 -24.39 -8.57 -13.09
N ARG B 14 -20.96 -7.72 -38.16
CA ARG B 14 -19.88 -6.94 -37.49
C ARG B 14 -20.41 -6.26 -36.22
N LYS B 15 -20.06 -6.81 -35.06
CA LYS B 15 -20.57 -6.31 -33.78
C LYS B 15 -20.10 -4.89 -33.50
N LYS B 16 -21.01 -4.06 -32.97
CA LYS B 16 -20.69 -2.69 -32.60
C LYS B 16 -20.27 -2.62 -31.14
N VAL B 17 -19.08 -2.09 -30.89
CA VAL B 17 -18.62 -1.80 -29.53
C VAL B 17 -18.56 -0.29 -29.31
N ALA B 18 -19.20 0.16 -28.24
CA ALA B 18 -19.06 1.53 -27.75
C ALA B 18 -18.01 1.61 -26.66
N VAL B 19 -16.89 2.25 -26.95
CA VAL B 19 -15.87 2.51 -25.94
C VAL B 19 -16.06 3.92 -25.37
N ILE B 20 -16.40 3.99 -24.09
CA ILE B 20 -16.61 5.27 -23.41
C ILE B 20 -15.32 5.73 -22.75
N GLY B 21 -14.77 6.83 -23.23
CA GLY B 21 -13.49 7.32 -22.76
C GLY B 21 -12.39 7.01 -23.76
N GLY B 22 -11.77 8.06 -24.27
CA GLY B 22 -10.53 7.93 -25.02
C GLY B 22 -9.33 8.36 -24.20
N GLY B 23 -9.31 7.97 -22.93
CA GLY B 23 -8.13 8.16 -22.10
C GLY B 23 -7.09 7.09 -22.36
N LEU B 24 -6.24 6.85 -21.35
CA LEU B 24 -5.15 5.89 -21.48
C LEU B 24 -5.68 4.50 -21.83
N VAL B 25 -6.62 4.02 -21.02
CA VAL B 25 -7.09 2.64 -21.14
C VAL B 25 -8.07 2.47 -22.29
N GLY B 26 -8.90 3.48 -22.51
CA GLY B 26 -9.87 3.45 -23.61
C GLY B 26 -9.20 3.36 -24.97
N SER B 27 -8.14 4.15 -25.15
CA SER B 27 -7.37 4.14 -26.39
C SER B 27 -6.66 2.80 -26.61
N LEU B 28 -6.00 2.31 -25.57
CA LEU B 28 -5.36 1.01 -25.61
C LEU B 28 -6.36 -0.05 -26.04
N GLN B 29 -7.53 -0.02 -25.40
CA GLN B 29 -8.50 -1.12 -25.52
C GLN B 29 -9.16 -1.12 -26.90
N ALA B 30 -9.28 0.06 -27.50
CA ALA B 30 -9.71 0.16 -28.89
C ALA B 30 -8.74 -0.59 -29.80
N CYS B 31 -7.44 -0.44 -29.55
CA CYS B 31 -6.43 -1.12 -30.35
C CYS B 31 -6.59 -2.63 -30.27
N PHE B 32 -6.68 -3.16 -29.05
CA PHE B 32 -6.90 -4.58 -28.85
C PHE B 32 -8.14 -5.06 -29.58
N LEU B 33 -9.25 -4.36 -29.39
CA LEU B 33 -10.54 -4.80 -29.93
C LEU B 33 -10.58 -4.62 -31.46
N ALA B 34 -9.95 -3.57 -31.94
CA ALA B 34 -9.82 -3.34 -33.39
C ALA B 34 -9.21 -4.56 -34.08
N LYS B 35 -8.12 -5.08 -33.51
CA LYS B 35 -7.46 -6.28 -34.03
C LYS B 35 -8.44 -7.43 -34.16
N ARG B 36 -9.51 -7.39 -33.37
CA ARG B 36 -10.46 -8.49 -33.27
C ARG B 36 -11.59 -8.32 -34.26
N ASN B 37 -11.49 -7.31 -35.12
CA ASN B 37 -12.46 -7.10 -36.18
C ASN B 37 -13.84 -6.67 -35.67
N PHE B 38 -13.85 -5.86 -34.61
CA PHE B 38 -15.09 -5.23 -34.15
C PHE B 38 -15.27 -3.88 -34.82
N GLN B 39 -16.52 -3.46 -34.97
CA GLN B 39 -16.83 -2.07 -35.30
C GLN B 39 -16.77 -1.25 -34.02
N ILE B 40 -15.86 -0.29 -33.99
CA ILE B 40 -15.51 0.39 -32.75
C ILE B 40 -15.72 1.88 -32.86
N ASP B 41 -16.53 2.42 -31.94
CA ASP B 41 -16.70 3.85 -31.80
C ASP B 41 -16.27 4.30 -30.40
N VAL B 42 -15.36 5.26 -30.36
CA VAL B 42 -14.90 5.81 -29.09
C VAL B 42 -15.58 7.14 -28.85
N TYR B 43 -16.25 7.25 -27.70
CA TYR B 43 -16.87 8.50 -27.28
C TYR B 43 -16.10 9.15 -26.13
N GLU B 44 -15.51 10.31 -26.41
CA GLU B 44 -14.65 11.00 -25.45
C GLU B 44 -15.16 12.41 -25.19
N ALA B 45 -15.42 12.72 -23.92
CA ALA B 45 -16.05 13.98 -23.55
C ALA B 45 -15.18 15.17 -23.90
N ARG B 46 -13.87 15.00 -23.75
CA ARG B 46 -12.93 16.10 -23.97
C ARG B 46 -12.67 16.32 -25.46
N GLU B 47 -11.99 17.40 -25.78
CA GLU B 47 -11.54 17.67 -27.14
C GLU B 47 -10.30 16.82 -27.44
N ASP B 48 -10.05 16.61 -28.74
CA ASP B 48 -8.83 15.92 -29.18
C ASP B 48 -7.58 16.66 -28.69
N THR B 49 -6.87 16.02 -27.78
CA THR B 49 -5.62 16.57 -27.25
C THR B 49 -4.59 16.84 -28.35
N ARG B 50 -4.67 16.10 -29.45
CA ARG B 50 -3.73 16.27 -30.56
C ARG B 50 -3.77 17.68 -31.14
N VAL B 51 -4.97 18.28 -31.16
CA VAL B 51 -5.13 19.61 -31.73
C VAL B 51 -5.15 20.69 -30.64
N ALA B 52 -5.84 20.41 -29.54
CA ALA B 52 -5.96 21.38 -28.45
C ALA B 52 -4.70 21.40 -27.58
N GLY B 57 -4.75 19.83 -14.74
CA GLY B 57 -5.45 18.99 -13.77
C GLY B 57 -4.79 17.64 -13.57
N ARG B 58 -4.76 16.84 -14.64
CA ARG B 58 -4.13 15.52 -14.61
C ARG B 58 -2.62 15.66 -14.46
N SER B 59 -1.99 14.67 -13.85
CA SER B 59 -0.54 14.70 -13.67
C SER B 59 0.18 14.68 -15.03
N ILE B 60 1.40 15.21 -15.05
CA ILE B 60 2.16 15.34 -16.28
C ILE B 60 2.89 14.04 -16.62
N ASN B 61 3.37 13.34 -15.60
CA ASN B 61 4.15 12.12 -15.81
C ASN B 61 3.47 10.90 -15.20
N LEU B 62 3.80 9.72 -15.74
CA LEU B 62 3.50 8.45 -15.06
C LEU B 62 4.70 7.52 -15.09
N ALA B 63 4.75 6.63 -14.11
CA ALA B 63 5.65 5.49 -14.14
C ALA B 63 5.00 4.32 -14.87
N LEU B 64 5.57 3.95 -16.01
CA LEU B 64 5.16 2.76 -16.76
C LEU B 64 5.94 1.55 -16.31
N SER B 65 5.25 0.45 -16.03
CA SER B 65 5.86 -0.72 -15.43
C SER B 65 6.13 -1.80 -16.48
N HIS B 66 6.84 -2.83 -16.06
CA HIS B 66 7.07 -4.00 -16.89
C HIS B 66 5.75 -4.59 -17.37
N ARG B 67 4.81 -4.79 -16.45
CA ARG B 67 3.53 -5.39 -16.81
C ARG B 67 2.76 -4.52 -17.80
N GLY B 68 2.72 -3.21 -17.55
CA GLY B 68 2.12 -2.29 -18.49
C GLY B 68 2.77 -2.36 -19.86
N ARG B 69 4.10 -2.49 -19.85
CA ARG B 69 4.89 -2.59 -21.07
C ARG B 69 4.43 -3.75 -21.96
N GLN B 70 4.11 -4.88 -21.34
CA GLN B 70 3.69 -6.07 -22.08
C GLN B 70 2.43 -5.77 -22.89
N ALA B 71 1.46 -5.11 -22.25
CA ALA B 71 0.21 -4.80 -22.91
C ALA B 71 0.47 -3.99 -24.18
N LEU B 72 1.31 -2.96 -24.05
CA LEU B 72 1.71 -2.15 -25.21
C LEU B 72 2.38 -3.01 -26.28
N LYS B 73 3.19 -3.98 -25.86
CA LYS B 73 3.86 -4.87 -26.80
C LYS B 73 2.83 -5.67 -27.60
N ALA B 74 1.82 -6.18 -26.92
CA ALA B 74 0.80 -7.03 -27.56
C ALA B 74 0.10 -6.32 -28.72
N VAL B 75 0.09 -4.99 -28.70
CA VAL B 75 -0.49 -4.24 -29.81
C VAL B 75 0.58 -3.47 -30.57
N GLY B 76 1.84 -3.82 -30.32
CA GLY B 76 2.94 -3.41 -31.19
C GLY B 76 3.35 -1.97 -31.00
N LEU B 77 3.15 -1.44 -29.79
CA LEU B 77 3.39 -0.03 -29.54
C LEU B 77 4.54 0.20 -28.56
N GLU B 78 5.11 -0.89 -28.04
CA GLU B 78 6.06 -0.79 -26.93
C GLU B 78 7.29 0.04 -27.30
N ASP B 79 7.83 -0.20 -28.48
CA ASP B 79 9.09 0.44 -28.87
C ASP B 79 8.93 1.95 -29.00
N GLN B 80 7.84 2.37 -29.64
CA GLN B 80 7.59 3.79 -29.83
C GLN B 80 7.49 4.51 -28.48
N ILE B 81 6.73 3.93 -27.56
CA ILE B 81 6.51 4.55 -26.26
C ILE B 81 7.77 4.53 -25.42
N VAL B 82 8.42 3.37 -25.37
CA VAL B 82 9.67 3.24 -24.62
C VAL B 82 10.70 4.26 -25.06
N SER B 83 10.73 4.55 -26.36
CA SER B 83 11.73 5.46 -26.90
C SER B 83 11.55 6.88 -26.39
N GLN B 84 10.35 7.20 -25.93
CA GLN B 84 10.06 8.55 -25.45
C GLN B 84 10.08 8.63 -23.92
N GLY B 85 10.51 7.55 -23.27
CA GLY B 85 10.53 7.50 -21.80
C GLY B 85 11.94 7.57 -21.24
N ILE B 86 12.04 7.83 -19.94
CA ILE B 86 13.32 7.79 -19.25
C ILE B 86 13.33 6.70 -18.18
N PRO B 87 14.29 5.77 -18.29
CA PRO B 87 14.41 4.66 -17.34
C PRO B 87 14.66 5.14 -15.92
N MET B 88 14.03 4.48 -14.96
CA MET B 88 14.30 4.70 -13.55
C MET B 88 14.60 3.36 -12.88
N ARG B 89 15.84 3.19 -12.43
CA ARG B 89 16.35 1.86 -12.09
C ARG B 89 16.60 1.73 -10.60
N ALA B 90 16.35 2.81 -9.86
CA ALA B 90 16.43 2.78 -8.41
C ALA B 90 15.63 3.95 -7.86
N ARG B 91 15.43 3.94 -6.55
CA ARG B 91 14.84 5.07 -5.86
C ARG B 91 15.93 5.95 -5.28
N MET B 92 15.66 7.25 -5.19
CA MET B 92 16.52 8.17 -4.46
C MET B 92 15.71 8.86 -3.38
N ILE B 93 16.01 8.52 -2.13
CA ILE B 93 15.29 9.08 -0.99
C ILE B 93 15.94 10.39 -0.58
N HIS B 94 15.12 11.43 -0.46
CA HIS B 94 15.58 12.71 0.06
C HIS B 94 15.08 12.88 1.48
N SER B 95 15.99 12.91 2.45
CA SER B 95 15.62 12.98 3.85
C SER B 95 15.21 14.40 4.25
N LEU B 96 14.76 14.54 5.49
CA LEU B 96 14.43 15.85 6.05
C LEU B 96 15.63 16.80 6.02
N SER B 97 16.82 16.26 6.28
CA SER B 97 18.03 17.07 6.35
C SER B 97 18.56 17.43 4.97
N GLY B 98 17.90 16.95 3.93
CA GLY B 98 18.23 17.34 2.55
C GLY B 98 19.20 16.37 1.89
N LYS B 99 19.54 15.30 2.60
CA LYS B 99 20.51 14.34 2.10
C LYS B 99 19.83 13.28 1.23
N LYS B 100 20.51 12.91 0.15
CA LYS B 100 20.03 11.85 -0.74
C LYS B 100 20.66 10.52 -0.37
N SER B 101 19.85 9.45 -0.39
CA SER B 101 20.37 8.10 -0.31
C SER B 101 19.67 7.19 -1.32
N ALA B 102 20.46 6.43 -2.08
CA ALA B 102 19.93 5.65 -3.18
C ALA B 102 19.45 4.29 -2.70
N ILE B 103 18.34 3.82 -3.27
CA ILE B 103 17.85 2.48 -2.95
C ILE B 103 17.50 1.72 -4.23
N PRO B 104 18.22 0.62 -4.50
CA PRO B 104 18.02 -0.17 -5.70
C PRO B 104 16.68 -0.88 -5.70
N TYR B 105 16.17 -1.20 -6.88
CA TYR B 105 15.09 -2.17 -7.01
C TYR B 105 15.66 -3.59 -6.93
N GLY B 106 14.99 -4.45 -6.17
CA GLY B 106 15.43 -5.83 -6.00
C GLY B 106 15.79 -6.52 -7.30
N THR B 107 14.95 -6.33 -8.32
CA THR B 107 15.13 -7.01 -9.60
C THR B 107 14.83 -6.08 -10.77
N LYS B 108 15.27 -6.47 -11.96
CA LYS B 108 15.18 -5.63 -13.14
C LYS B 108 13.73 -5.38 -13.55
N SER B 109 12.86 -6.35 -13.27
CA SER B 109 11.47 -6.27 -13.66
C SER B 109 10.73 -5.14 -12.92
N GLN B 110 11.34 -4.64 -11.85
CA GLN B 110 10.73 -3.57 -11.06
C GLN B 110 11.15 -2.20 -11.56
N TYR B 111 12.09 -2.17 -12.51
CA TYR B 111 12.45 -0.92 -13.17
C TYR B 111 11.20 -0.30 -13.77
N ILE B 112 11.12 1.03 -13.74
CA ILE B 112 9.97 1.72 -14.29
C ILE B 112 10.42 2.81 -15.25
N LEU B 113 9.53 3.19 -16.16
CA LEU B 113 9.82 4.16 -17.20
C LEU B 113 8.97 5.40 -16.98
N SER B 114 9.61 6.57 -16.96
CA SER B 114 8.89 7.82 -16.86
C SER B 114 8.39 8.24 -18.23
N VAL B 115 7.07 8.33 -18.37
CA VAL B 115 6.46 8.72 -19.63
C VAL B 115 5.54 9.91 -19.42
N SER B 116 5.35 10.68 -20.48
CA SER B 116 4.44 11.83 -20.49
C SER B 116 3.01 11.35 -20.72
N ARG B 117 2.11 11.67 -19.78
CA ARG B 117 0.71 11.28 -19.90
C ARG B 117 0.11 11.77 -21.20
N GLU B 118 0.34 13.05 -21.48
CA GLU B 118 -0.20 13.70 -22.68
C GLU B 118 0.15 12.90 -23.93
N ASN B 119 1.45 12.69 -24.14
CA ASN B 119 1.92 12.16 -25.40
C ASN B 119 1.61 10.67 -25.53
N LEU B 120 1.60 9.98 -24.39
CA LEU B 120 1.17 8.60 -24.37
C LEU B 120 -0.27 8.49 -24.86
N ASN B 121 -1.13 9.37 -24.36
CA ASN B 121 -2.54 9.41 -24.79
C ASN B 121 -2.65 9.77 -26.27
N LYS B 122 -1.91 10.79 -26.69
CA LYS B 122 -1.83 11.15 -28.11
C LYS B 122 -1.41 9.95 -28.96
N ASP B 123 -0.35 9.28 -28.56
CA ASP B 123 0.19 8.16 -29.32
C ASP B 123 -0.83 7.02 -29.44
N LEU B 124 -1.53 6.75 -28.34
CA LEU B 124 -2.50 5.68 -28.31
C LEU B 124 -3.72 6.03 -29.15
N LEU B 125 -4.15 7.28 -29.06
CA LEU B 125 -5.24 7.75 -29.89
C LEU B 125 -4.94 7.52 -31.37
N THR B 126 -3.76 7.96 -31.80
CA THR B 126 -3.34 7.77 -33.18
C THR B 126 -3.25 6.30 -33.54
N ALA B 127 -2.65 5.51 -32.64
CA ALA B 127 -2.51 4.07 -32.87
C ALA B 127 -3.87 3.41 -33.08
N ALA B 128 -4.87 3.85 -32.33
CA ALA B 128 -6.21 3.31 -32.47
C ALA B 128 -6.84 3.72 -33.80
N GLU B 129 -6.60 4.97 -34.21
CA GLU B 129 -7.26 5.49 -35.41
C GLU B 129 -6.70 4.89 -36.69
N LYS B 130 -5.47 4.41 -36.63
CA LYS B 130 -4.86 3.73 -37.78
C LYS B 130 -5.71 2.55 -38.24
N TYR B 131 -6.43 1.92 -37.33
CA TYR B 131 -7.39 0.88 -37.69
C TYR B 131 -8.60 1.51 -38.37
N PRO B 132 -9.05 0.92 -39.49
CA PRO B 132 -10.17 1.48 -40.25
C PRO B 132 -11.52 1.20 -39.60
N ASN B 133 -11.60 0.18 -38.76
CA ASN B 133 -12.83 -0.13 -38.05
C ASN B 133 -12.95 0.61 -36.71
N VAL B 134 -12.13 1.65 -36.54
CA VAL B 134 -12.15 2.48 -35.34
C VAL B 134 -12.50 3.92 -35.71
N LYS B 135 -13.50 4.48 -35.02
CA LYS B 135 -13.90 5.86 -35.23
C LYS B 135 -13.90 6.63 -33.91
N MET B 136 -13.27 7.80 -33.89
CA MET B 136 -13.21 8.63 -32.70
C MET B 136 -14.31 9.68 -32.73
N HIS B 137 -15.04 9.80 -31.63
CA HIS B 137 -15.97 10.91 -31.44
C HIS B 137 -15.56 11.75 -30.23
N PHE B 138 -14.77 12.78 -30.50
CA PHE B 138 -14.38 13.72 -29.46
C PHE B 138 -15.52 14.67 -29.14
N ASN B 139 -15.37 15.43 -28.05
CA ASN B 139 -16.44 16.28 -27.55
C ASN B 139 -17.78 15.56 -27.49
N HIS B 140 -17.76 14.28 -27.15
CA HIS B 140 -18.97 13.49 -27.00
C HIS B 140 -19.01 12.86 -25.63
N ARG B 141 -20.03 13.22 -24.86
CA ARG B 141 -20.11 12.79 -23.48
C ARG B 141 -21.25 11.79 -23.34
N LEU B 142 -20.98 10.67 -22.68
CA LEU B 142 -22.01 9.71 -22.35
C LEU B 142 -22.88 10.26 -21.24
N LEU B 143 -24.16 10.35 -21.50
CA LEU B 143 -25.13 10.88 -20.55
C LEU B 143 -25.87 9.72 -19.90
N CYS B 145 -27.05 5.30 -20.54
CA CYS B 145 -26.92 4.08 -21.33
C CYS B 145 -27.93 3.04 -20.86
N ASN B 146 -28.30 2.15 -21.77
CA ASN B 146 -29.15 1.01 -21.43
C ASN B 146 -28.53 -0.28 -21.95
N PRO B 147 -27.67 -0.90 -21.13
CA PRO B 147 -26.92 -2.12 -21.48
C PRO B 147 -27.77 -3.14 -22.22
N GLU B 148 -28.84 -3.59 -21.58
CA GLU B 148 -29.67 -4.68 -22.11
C GLU B 148 -30.33 -4.31 -23.43
N GLU B 149 -30.54 -3.01 -23.65
CA GLU B 149 -31.18 -2.53 -24.86
C GLU B 149 -30.14 -2.21 -25.95
N GLY B 150 -28.87 -2.37 -25.62
CA GLY B 150 -27.79 -2.05 -26.54
C GLY B 150 -27.85 -0.61 -27.01
N MET B 151 -28.13 0.30 -26.08
CA MET B 151 -28.26 1.72 -26.41
C MET B 151 -27.46 2.59 -25.45
N ILE B 152 -26.79 3.59 -26.00
CA ILE B 152 -26.25 4.69 -25.20
C ILE B 152 -26.80 6.02 -25.70
N THR B 153 -26.85 7.00 -24.81
CA THR B 153 -27.24 8.36 -25.16
C THR B 153 -26.05 9.29 -24.93
N VAL B 154 -25.64 9.97 -25.99
CA VAL B 154 -24.47 10.84 -25.91
C VAL B 154 -24.82 12.29 -26.23
N LEU B 155 -23.90 13.18 -25.91
CA LEU B 155 -24.13 14.61 -26.00
C LEU B 155 -22.94 15.27 -26.71
N GLY B 156 -23.17 15.77 -27.91
CA GLY B 156 -22.13 16.40 -28.73
C GLY B 156 -22.04 17.89 -28.47
N SER B 157 -21.30 18.60 -29.32
CA SER B 157 -21.07 20.03 -29.12
C SER B 157 -22.38 20.82 -29.16
N ASP B 158 -23.35 20.33 -29.93
CA ASP B 158 -24.65 20.99 -30.02
C ASP B 158 -25.51 20.71 -28.79
N LYS B 159 -25.02 19.85 -27.90
CA LYS B 159 -25.65 19.62 -26.61
C LYS B 159 -27.08 19.08 -26.77
N VAL B 160 -27.31 18.35 -27.84
CA VAL B 160 -28.58 17.67 -28.04
C VAL B 160 -28.40 16.17 -27.87
N PRO B 161 -29.02 15.60 -26.82
CA PRO B 161 -28.93 14.16 -26.60
C PRO B 161 -29.26 13.35 -27.85
N LYS B 162 -28.57 12.24 -28.03
CA LYS B 162 -28.68 11.46 -29.25
C LYS B 162 -28.40 9.99 -28.91
N ASP B 163 -29.33 9.11 -29.27
CA ASP B 163 -29.16 7.69 -29.04
C ASP B 163 -28.28 7.10 -30.14
N VAL B 164 -27.46 6.11 -29.76
CA VAL B 164 -26.77 5.27 -30.72
C VAL B 164 -26.69 3.84 -30.21
N THR B 165 -26.63 2.90 -31.16
CA THR B 165 -26.77 1.48 -30.85
C THR B 165 -25.40 0.84 -30.66
N CYS B 166 -25.37 -0.24 -29.89
CA CYS B 166 -24.16 -1.02 -29.76
C CYS B 166 -24.50 -2.40 -29.21
N ASP B 167 -23.55 -3.32 -29.34
CA ASP B 167 -23.71 -4.64 -28.77
C ASP B 167 -22.94 -4.76 -27.46
N LEU B 168 -21.91 -3.94 -27.32
CA LEU B 168 -21.08 -3.96 -26.14
C LEU B 168 -20.73 -2.54 -25.72
N ILE B 169 -20.96 -2.25 -24.45
CA ILE B 169 -20.47 -1.01 -23.85
C ILE B 169 -19.21 -1.31 -23.06
N VAL B 170 -18.12 -0.63 -23.40
CA VAL B 170 -16.89 -0.74 -22.64
C VAL B 170 -16.68 0.52 -21.81
N GLY B 171 -16.74 0.36 -20.50
CA GLY B 171 -16.58 1.49 -19.58
C GLY B 171 -15.12 1.81 -19.31
N CYS B 172 -14.58 2.74 -20.09
CA CYS B 172 -13.24 3.26 -19.85
C CYS B 172 -13.30 4.75 -19.53
N ASP B 173 -14.35 5.17 -18.83
CA ASP B 173 -14.61 6.59 -18.62
C ASP B 173 -14.08 7.11 -17.27
N GLY B 174 -13.09 6.41 -16.73
CA GLY B 174 -12.24 6.98 -15.69
C GLY B 174 -12.78 6.83 -14.28
N ALA B 175 -12.17 7.55 -13.35
CA ALA B 175 -12.43 7.37 -11.93
C ALA B 175 -13.85 7.76 -11.55
N TYR B 176 -14.42 8.71 -12.29
CA TYR B 176 -15.80 9.14 -12.03
C TYR B 176 -16.74 8.56 -13.08
N SER B 177 -16.55 7.28 -13.39
CA SER B 177 -17.19 6.62 -14.54
C SER B 177 -18.70 6.78 -14.52
N THR B 178 -19.24 7.34 -15.59
CA THR B 178 -20.69 7.36 -15.81
C THR B 178 -21.24 5.95 -16.00
N VAL B 179 -20.52 5.12 -16.76
CA VAL B 179 -20.98 3.76 -17.01
C VAL B 179 -21.11 3.02 -15.67
N ARG B 180 -20.08 3.13 -14.84
CA ARG B 180 -20.06 2.45 -13.55
C ARG B 180 -21.28 2.86 -12.71
N SER B 181 -21.61 4.14 -12.75
CA SER B 181 -22.73 4.67 -11.97
C SER B 181 -24.03 3.97 -12.36
N HIS B 182 -24.17 3.72 -13.65
CA HIS B 182 -25.34 3.03 -14.19
C HIS B 182 -25.42 1.57 -13.74
N LEU B 183 -24.29 0.97 -13.43
CA LEU B 183 -24.27 -0.45 -13.10
C LEU B 183 -24.36 -0.71 -11.60
N MET B 184 -24.37 0.36 -10.80
CA MET B 184 -24.46 0.24 -9.35
C MET B 184 -25.82 -0.34 -8.95
N LYS B 186 -27.27 0.73 -6.25
CA LYS B 186 -27.94 1.98 -5.91
C LYS B 186 -27.22 3.14 -6.60
N PRO B 187 -27.61 3.42 -7.86
CA PRO B 187 -26.88 4.38 -8.67
C PRO B 187 -26.67 5.73 -7.99
N ARG B 188 -25.55 6.36 -8.29
CA ARG B 188 -25.22 7.66 -7.75
C ARG B 188 -24.24 8.34 -8.70
N PHE B 189 -24.49 9.62 -8.99
CA PHE B 189 -23.84 10.28 -10.09
C PHE B 189 -23.00 11.48 -9.67
N ASP B 190 -22.85 11.68 -8.36
CA ASP B 190 -21.85 12.59 -7.84
C ASP B 190 -20.69 11.82 -7.23
N TYR B 191 -19.51 12.43 -7.29
N TYR B 191 -19.50 12.39 -7.27
CA TYR B 191 -18.27 11.82 -6.81
CA TYR B 191 -18.34 11.73 -6.67
C TYR B 191 -17.69 12.62 -5.64
C TYR B 191 -17.66 12.63 -5.63
N SER B 192 -18.17 13.85 -5.47
CA SER B 192 -17.54 14.83 -4.60
C SER B 192 -17.30 14.31 -3.18
N GLN B 193 -18.25 13.55 -2.66
CA GLN B 193 -18.26 13.20 -1.23
C GLN B 193 -17.41 11.96 -0.93
N GLN B 194 -16.69 11.48 -1.94
CA GLN B 194 -15.84 10.31 -1.77
C GLN B 194 -14.35 10.62 -1.93
N TYR B 195 -13.99 11.89 -1.98
CA TYR B 195 -12.58 12.30 -2.04
C TYR B 195 -11.86 11.79 -0.79
N ILE B 196 -10.62 11.32 -0.96
CA ILE B 196 -9.72 11.11 0.17
C ILE B 196 -9.08 12.43 0.60
N PRO B 197 -8.64 12.52 1.87
CA PRO B 197 -8.19 13.79 2.41
C PRO B 197 -6.99 14.38 1.68
N HIS B 198 -6.17 13.53 1.06
CA HIS B 198 -4.97 13.99 0.38
C HIS B 198 -5.29 14.53 -1.01
N GLY B 199 -4.81 15.74 -1.29
CA GLY B 199 -4.77 16.24 -2.66
C GLY B 199 -3.34 16.26 -3.18
N TYR B 200 -3.18 16.53 -4.46
CA TYR B 200 -1.86 16.58 -5.05
C TYR B 200 -1.64 17.85 -5.86
N MET B 201 -0.38 18.26 -5.93
CA MET B 201 0.00 19.47 -6.65
C MET B 201 1.24 19.21 -7.51
N GLU B 202 1.22 19.73 -8.73
CA GLU B 202 2.30 19.52 -9.68
C GLU B 202 3.28 20.69 -9.60
N LEU B 203 4.58 20.36 -9.56
CA LEU B 203 5.63 21.38 -9.59
C LEU B 203 6.75 20.95 -10.53
N THR B 204 7.68 21.86 -10.79
CA THR B 204 8.71 21.63 -11.79
C THR B 204 10.10 21.99 -11.29
N ILE B 205 11.04 21.05 -11.44
CA ILE B 205 12.45 21.34 -11.32
C ILE B 205 13.04 21.52 -12.72
N PRO B 206 13.39 22.76 -13.06
CA PRO B 206 13.90 23.00 -14.42
C PRO B 206 15.33 22.50 -14.58
N PRO B 207 15.80 22.43 -15.83
CA PRO B 207 17.17 22.02 -16.08
C PRO B 207 18.15 22.95 -15.40
N LYS B 208 19.37 22.47 -15.15
CA LYS B 208 20.49 23.35 -14.87
C LYS B 208 21.49 23.25 -16.02
N ASN B 209 21.79 24.39 -16.64
CA ASN B 209 22.68 24.42 -17.80
C ASN B 209 22.22 23.44 -18.88
N GLY B 210 20.94 23.50 -19.22
CA GLY B 210 20.38 22.64 -20.27
C GLY B 210 20.52 21.16 -19.97
N ASP B 211 20.52 20.81 -18.69
CA ASP B 211 20.74 19.42 -18.28
C ASP B 211 20.08 19.14 -16.93
N TYR B 212 19.92 17.86 -16.62
CA TYR B 212 19.23 17.44 -15.40
C TYR B 212 19.87 18.05 -14.16
N ALA B 213 19.03 18.58 -13.28
CA ALA B 213 19.49 19.19 -12.04
C ALA B 213 19.70 18.15 -10.94
N MET B 214 19.25 16.92 -11.18
CA MET B 214 19.57 15.80 -10.31
C MET B 214 19.73 14.52 -11.13
N GLU B 215 20.10 13.44 -10.45
CA GLU B 215 20.25 12.13 -11.08
C GLU B 215 18.95 11.75 -11.80
N PRO B 216 18.99 11.68 -13.14
CA PRO B 216 17.79 11.45 -13.95
C PRO B 216 17.17 10.06 -13.82
N ASN B 217 17.99 9.02 -13.69
CA ASN B 217 17.49 7.65 -13.76
C ASN B 217 17.09 7.08 -12.39
N TYR B 218 16.53 7.94 -11.55
CA TYR B 218 15.95 7.51 -10.29
C TYR B 218 14.52 8.02 -10.16
N LEU B 219 13.69 7.26 -9.47
CA LEU B 219 12.47 7.79 -8.86
C LEU B 219 12.85 8.49 -7.58
N HIS B 220 12.74 9.82 -7.58
CA HIS B 220 13.10 10.61 -6.41
C HIS B 220 11.90 10.72 -5.48
N ILE B 221 12.15 10.54 -4.19
CA ILE B 221 11.09 10.48 -3.20
C ILE B 221 11.46 11.28 -1.96
N TRP B 222 10.55 12.15 -1.52
CA TRP B 222 10.66 12.82 -0.23
C TRP B 222 9.61 12.26 0.73
N PRO B 223 9.95 11.17 1.44
CA PRO B 223 8.96 10.54 2.32
C PRO B 223 8.82 11.30 3.64
N ARG B 224 7.59 11.69 3.97
CA ARG B 224 7.31 12.24 5.29
C ARG B 224 6.08 11.55 5.90
N ASN B 225 5.77 11.93 7.13
CA ASN B 225 4.84 11.16 7.95
C ASN B 225 3.40 11.26 7.47
N THR B 226 3.01 12.43 7.00
CA THR B 226 1.63 12.69 6.58
C THR B 226 1.57 13.37 5.23
N PHE B 227 2.73 13.66 4.65
CA PHE B 227 2.80 14.07 3.26
C PHE B 227 4.01 13.48 2.56
N MET B 228 4.09 13.69 1.25
CA MET B 228 5.26 13.29 0.50
C MET B 228 5.33 13.98 -0.85
N MET B 229 6.52 14.00 -1.42
CA MET B 229 6.72 14.50 -2.76
C MET B 229 7.50 13.46 -3.57
N ILE B 230 7.23 13.40 -4.87
CA ILE B 230 8.02 12.60 -5.78
C ILE B 230 8.40 13.42 -6.99
N ALA B 231 9.47 13.01 -7.66
CA ALA B 231 9.89 13.65 -8.90
C ALA B 231 10.21 12.62 -9.96
N LEU B 232 9.77 12.89 -11.19
CA LEU B 232 10.03 12.02 -12.32
C LEU B 232 10.66 12.83 -13.45
N PRO B 233 11.68 12.26 -14.12
CA PRO B 233 12.42 12.98 -15.15
C PRO B 233 11.61 13.16 -16.43
N ASN B 234 11.81 14.30 -17.09
CA ASN B 234 11.21 14.56 -18.40
C ASN B 234 12.26 14.53 -19.50
N MET B 235 11.80 14.28 -20.73
CA MET B 235 12.69 14.28 -21.90
C MET B 235 13.43 15.61 -22.06
N ASN B 236 12.75 16.71 -21.73
CA ASN B 236 13.36 18.03 -21.85
C ASN B 236 14.28 18.41 -20.70
N LYS B 237 14.84 17.40 -20.03
CA LYS B 237 15.86 17.61 -19.00
C LYS B 237 15.30 18.26 -17.72
N SER B 238 13.98 18.25 -17.59
CA SER B 238 13.31 18.73 -16.39
C SER B 238 12.88 17.56 -15.53
N PHE B 239 12.48 17.86 -14.30
CA PHE B 239 11.70 16.93 -13.48
C PHE B 239 10.33 17.54 -13.22
N THR B 240 9.31 16.70 -13.22
CA THR B 240 8.03 17.09 -12.65
C THR B 240 7.92 16.48 -11.26
N CYS B 241 7.72 17.33 -10.26
CA CYS B 241 7.43 16.87 -8.92
C CYS B 241 5.93 16.73 -8.74
N THR B 242 5.54 15.84 -7.84
CA THR B 242 4.15 15.79 -7.39
C THR B 242 4.13 15.76 -5.88
N LEU B 243 3.40 16.71 -5.31
CA LEU B 243 3.38 16.92 -3.87
C LEU B 243 2.03 16.49 -3.32
N PHE B 244 2.05 15.51 -2.42
CA PHE B 244 0.83 14.95 -1.85
C PHE B 244 0.69 15.41 -0.42
N MET B 245 -0.39 16.13 -0.13
CA MET B 245 -0.63 16.67 1.21
C MET B 245 -2.13 16.64 1.51
N PRO B 246 -2.50 16.51 2.79
CA PRO B 246 -3.90 16.72 3.15
C PRO B 246 -4.33 18.12 2.76
N PHE B 247 -5.56 18.25 2.26
CA PHE B 247 -6.06 19.55 1.78
C PHE B 247 -5.91 20.63 2.83
N GLU B 248 -6.19 20.28 4.08
CA GLU B 248 -6.17 21.26 5.17
C GLU B 248 -4.77 21.85 5.31
N GLU B 249 -3.75 21.04 5.02
CA GLU B 249 -2.37 21.48 5.08
C GLU B 249 -2.02 22.39 3.91
N PHE B 250 -2.52 22.05 2.72
CA PHE B 250 -2.40 22.93 1.57
C PHE B 250 -3.01 24.30 1.90
N GLU B 251 -4.18 24.28 2.53
CA GLU B 251 -4.98 25.48 2.70
C GLU B 251 -4.43 26.40 3.80
N LYS B 252 -3.55 25.89 4.64
CA LYS B 252 -2.89 26.69 5.66
C LYS B 252 -1.80 27.58 5.06
N LEU B 253 -1.44 27.33 3.81
CA LEU B 253 -0.37 28.08 3.15
C LEU B 253 -0.97 29.13 2.23
N LEU B 254 -1.03 30.37 2.72
CA LEU B 254 -1.70 31.45 2.00
C LEU B 254 -0.71 32.43 1.40
N THR B 255 0.42 32.63 2.07
CA THR B 255 1.38 33.66 1.69
C THR B 255 2.63 33.05 1.08
N SER B 256 3.30 33.82 0.23
CA SER B 256 4.59 33.42 -0.33
C SER B 256 5.57 33.00 0.75
N ASN B 257 5.49 33.61 1.92
CA ASN B 257 6.38 33.30 3.03
C ASN B 257 6.03 31.98 3.71
N ASP B 258 4.74 31.66 3.75
CA ASP B 258 4.30 30.36 4.23
C ASP B 258 4.93 29.26 3.38
N VAL B 259 4.76 29.38 2.06
CA VAL B 259 5.20 28.36 1.13
C VAL B 259 6.69 28.11 1.26
N VAL B 260 7.47 29.19 1.20
CA VAL B 260 8.92 29.11 1.31
C VAL B 260 9.33 28.51 2.66
N ASP B 261 8.69 28.98 3.73
CA ASP B 261 8.94 28.45 5.05
C ASP B 261 8.66 26.93 5.08
N PHE B 262 7.57 26.52 4.44
CA PHE B 262 7.12 25.14 4.51
C PHE B 262 8.15 24.21 3.88
N PHE B 263 8.60 24.57 2.69
CA PHE B 263 9.61 23.81 1.97
C PHE B 263 10.96 23.85 2.68
N GLN B 264 11.24 24.95 3.36
CA GLN B 264 12.47 25.07 4.14
C GLN B 264 12.52 24.03 5.25
N LYS B 265 11.37 23.79 5.87
CA LYS B 265 11.29 22.87 7.00
C LYS B 265 11.27 21.41 6.53
N TYR B 266 10.57 21.15 5.42
CA TYR B 266 10.18 19.78 5.06
C TYR B 266 10.82 19.27 3.77
N PHE B 267 11.11 20.17 2.83
CA PHE B 267 11.78 19.79 1.59
C PHE B 267 12.91 20.77 1.24
N PRO B 268 13.83 20.98 2.19
CA PRO B 268 14.81 22.07 2.11
C PRO B 268 15.61 22.08 0.81
N ASP B 269 15.98 20.90 0.32
CA ASP B 269 16.86 20.78 -0.83
C ASP B 269 16.13 21.05 -2.14
N ALA B 270 14.83 21.25 -2.07
CA ALA B 270 14.01 21.40 -3.27
C ALA B 270 13.97 22.84 -3.76
N ILE B 271 14.14 23.80 -2.86
CA ILE B 271 14.04 25.21 -3.21
C ILE B 271 15.12 25.61 -4.20
N PRO B 272 16.39 25.27 -3.90
CA PRO B 272 17.44 25.42 -4.91
C PRO B 272 17.07 24.78 -6.24
N LEU B 273 16.63 23.54 -6.20
CA LEU B 273 16.34 22.80 -7.42
C LEU B 273 15.19 23.42 -8.19
N ILE B 274 14.15 23.84 -7.47
CA ILE B 274 12.96 24.41 -8.10
C ILE B 274 13.15 25.88 -8.47
N GLY B 275 13.84 26.61 -7.60
CA GLY B 275 13.86 28.07 -7.67
C GLY B 275 12.76 28.70 -6.83
N GLU B 276 13.15 29.53 -5.88
CA GLU B 276 12.23 30.05 -4.87
C GLU B 276 11.06 30.82 -5.49
N LYS B 277 11.37 31.72 -6.43
CA LYS B 277 10.33 32.53 -7.06
C LYS B 277 9.35 31.65 -7.83
N LEU B 278 9.88 30.68 -8.56
CA LEU B 278 9.07 29.77 -9.34
C LEU B 278 8.21 28.88 -8.44
N LEU B 279 8.80 28.39 -7.37
CA LEU B 279 8.08 27.58 -6.39
C LEU B 279 6.78 28.27 -5.98
N VAL B 280 6.88 29.54 -5.58
CA VAL B 280 5.72 30.29 -5.13
C VAL B 280 4.74 30.50 -6.27
N GLN B 281 5.26 30.82 -7.44
CA GLN B 281 4.44 31.02 -8.62
C GLN B 281 3.59 29.78 -8.90
N ASP B 282 4.25 28.64 -9.12
CA ASP B 282 3.57 27.43 -9.55
C ASP B 282 2.69 26.83 -8.45
N PHE B 283 3.08 27.06 -7.19
CA PHE B 283 2.27 26.62 -6.06
C PHE B 283 0.86 27.19 -6.16
N PHE B 284 0.75 28.48 -6.43
CA PHE B 284 -0.52 29.18 -6.38
C PHE B 284 -1.23 29.27 -7.73
N LEU B 285 -0.69 28.57 -8.73
CA LEU B 285 -1.34 28.49 -10.03
C LEU B 285 -2.71 27.83 -9.95
N LEU B 286 -2.85 26.84 -9.07
CA LEU B 286 -4.10 26.09 -8.91
C LEU B 286 -4.28 25.63 -7.47
N PRO B 287 -5.50 25.18 -7.13
CA PRO B 287 -5.69 24.44 -5.89
C PRO B 287 -5.22 23.00 -6.08
N ALA B 288 -4.88 22.34 -4.98
CA ALA B 288 -4.55 20.91 -5.02
C ALA B 288 -5.70 20.15 -5.66
N GLN B 289 -5.35 19.12 -6.45
CA GLN B 289 -6.35 18.28 -7.11
C GLN B 289 -6.80 17.16 -6.19
N PRO B 290 -8.08 16.78 -6.27
CA PRO B 290 -8.63 15.69 -5.47
C PRO B 290 -8.39 14.31 -6.08
N MET B 291 -8.56 13.27 -5.27
CA MET B 291 -8.42 11.89 -5.72
C MET B 291 -9.52 11.07 -5.04
N ILE B 292 -9.96 9.99 -5.68
CA ILE B 292 -10.82 9.03 -5.02
C ILE B 292 -10.25 7.62 -5.11
N SER B 293 -10.65 6.80 -4.15
CA SER B 293 -10.27 5.39 -4.13
C SER B 293 -11.52 4.53 -4.14
N VAL B 294 -11.68 3.74 -5.20
CA VAL B 294 -12.85 2.89 -5.34
C VAL B 294 -12.54 1.53 -5.98
N CYS B 296 -14.89 -1.83 -7.45
CA CYS B 296 -16.22 -2.35 -7.74
C CYS B 296 -16.30 -3.83 -7.41
N SER B 297 -17.50 -4.26 -7.04
CA SER B 297 -17.75 -5.65 -6.69
C SER B 297 -17.84 -6.53 -7.94
N SER B 298 -18.04 -5.88 -9.09
CA SER B 298 -18.01 -6.58 -10.37
C SER B 298 -17.51 -5.63 -11.45
N PHE B 299 -16.94 -6.19 -12.52
CA PHE B 299 -16.42 -5.37 -13.60
C PHE B 299 -17.25 -5.56 -14.87
N HIS B 300 -18.39 -6.23 -14.76
CA HIS B 300 -19.24 -6.50 -15.92
C HIS B 300 -20.70 -6.45 -15.55
N PHE B 301 -21.56 -6.34 -16.57
CA PHE B 301 -22.99 -6.54 -16.40
C PHE B 301 -23.52 -7.47 -17.50
N SER B 303 -23.98 -9.64 -20.38
CA SER B 303 -23.13 -9.77 -21.56
C SER B 303 -23.02 -8.44 -22.32
N HIS B 304 -23.38 -7.36 -21.66
CA HIS B 304 -23.63 -6.08 -22.35
C HIS B 304 -22.58 -5.01 -22.04
N CYS B 305 -21.94 -5.11 -20.88
CA CYS B 305 -21.04 -4.05 -20.43
CA CYS B 305 -21.03 -4.05 -20.42
C CYS B 305 -19.85 -4.61 -19.66
N VAL B 306 -18.68 -4.01 -19.85
CA VAL B 306 -17.49 -4.34 -19.08
C VAL B 306 -16.77 -3.05 -18.68
N LEU B 307 -16.22 -3.04 -17.48
CA LEU B 307 -15.42 -1.91 -17.00
C LEU B 307 -13.93 -2.25 -17.04
N LEU B 308 -13.13 -1.29 -17.51
CA LEU B 308 -11.68 -1.41 -17.44
C LEU B 308 -11.05 -0.10 -16.94
N GLY B 309 -9.83 -0.19 -16.43
CA GLY B 309 -9.12 0.98 -15.94
C GLY B 309 -9.75 1.53 -14.67
N ASP B 310 -9.69 2.85 -14.51
CA ASP B 310 -10.16 3.50 -13.30
C ASP B 310 -11.65 3.30 -13.07
N ALA B 311 -12.40 3.05 -14.16
CA ALA B 311 -13.83 2.76 -14.02
C ALA B 311 -14.07 1.51 -13.17
N ALA B 312 -13.18 0.52 -13.32
CA ALA B 312 -13.30 -0.73 -12.58
C ALA B 312 -12.61 -0.62 -11.24
N HIS B 313 -11.41 -0.02 -11.23
CA HIS B 313 -10.66 0.18 -9.99
C HIS B 313 -9.93 1.50 -10.05
N ALA B 314 -10.39 2.47 -9.27
CA ALA B 314 -9.74 3.76 -9.25
C ALA B 314 -8.68 3.73 -8.18
N ILE B 315 -7.43 3.57 -8.61
CA ILE B 315 -6.33 3.24 -7.71
C ILE B 315 -5.49 4.49 -7.47
N VAL B 316 -5.46 4.95 -6.23
CA VAL B 316 -4.68 6.12 -5.88
C VAL B 316 -3.21 5.73 -5.72
N PRO B 317 -2.30 6.62 -6.16
CA PRO B 317 -0.86 6.33 -6.20
C PRO B 317 -0.27 5.76 -4.92
N PHE B 318 -0.87 6.06 -3.77
CA PHE B 318 -0.39 5.53 -2.50
C PHE B 318 -0.47 4.01 -2.45
N PHE B 319 -1.47 3.44 -3.13
CA PHE B 319 -1.79 2.04 -2.94
C PHE B 319 -1.62 1.23 -4.21
N GLY B 320 -1.30 1.88 -5.31
CA GLY B 320 -0.93 1.17 -6.53
C GLY B 320 -0.84 2.05 -7.76
N GLN B 321 -0.84 1.40 -8.92
CA GLN B 321 -0.50 2.03 -10.17
C GLN B 321 -1.63 1.79 -11.18
N GLY B 322 -2.49 2.80 -11.34
CA GLY B 322 -3.76 2.62 -12.03
C GLY B 322 -3.62 2.39 -13.53
N MET B 323 -2.77 3.16 -14.20
CA MET B 323 -2.56 2.98 -15.65
C MET B 323 -2.05 1.57 -15.95
N ASN B 324 -1.02 1.15 -15.23
CA ASN B 324 -0.50 -0.21 -15.40
C ASN B 324 -1.58 -1.25 -15.14
N ALA B 325 -2.35 -1.06 -14.08
CA ALA B 325 -3.43 -1.99 -13.77
C ALA B 325 -4.46 -2.00 -14.90
N GLY B 326 -4.74 -0.82 -15.45
CA GLY B 326 -5.66 -0.70 -16.58
C GLY B 326 -5.13 -1.36 -17.83
N PHE B 327 -3.84 -1.20 -18.08
CA PHE B 327 -3.20 -1.84 -19.24
C PHE B 327 -3.27 -3.35 -19.10
N GLU B 328 -3.02 -3.85 -17.89
CA GLU B 328 -3.13 -5.28 -17.62
C GLU B 328 -4.57 -5.79 -17.71
N ASP B 329 -5.54 -4.93 -17.37
CA ASP B 329 -6.95 -5.22 -17.62
C ASP B 329 -7.14 -5.62 -19.08
N CYS B 330 -6.63 -4.79 -19.98
CA CYS B 330 -6.77 -5.01 -21.41
C CYS B 330 -6.12 -6.34 -21.82
N LEU B 331 -4.93 -6.58 -21.31
CA LEU B 331 -4.18 -7.78 -21.64
C LEU B 331 -4.93 -9.04 -21.19
N VAL B 332 -5.41 -9.05 -19.96
CA VAL B 332 -6.14 -10.20 -19.43
C VAL B 332 -7.42 -10.44 -20.22
N PHE B 333 -8.09 -9.35 -20.58
CA PHE B 333 -9.33 -9.43 -21.35
C PHE B 333 -9.07 -10.01 -22.74
N ASP B 334 -7.97 -9.58 -23.35
CA ASP B 334 -7.61 -10.03 -24.68
C ASP B 334 -7.28 -11.53 -24.68
N GLU B 335 -6.58 -11.97 -23.65
CA GLU B 335 -6.30 -13.40 -23.48
C GLU B 335 -7.59 -14.20 -23.42
N LEU B 336 -8.58 -13.68 -22.69
CA LEU B 336 -9.85 -14.39 -22.51
C LEU B 336 -10.62 -14.47 -23.83
N MET B 337 -10.57 -13.38 -24.59
CA MET B 337 -11.21 -13.35 -25.89
C MET B 337 -10.62 -14.42 -26.82
N ASP B 338 -9.30 -14.58 -26.76
CA ASP B 338 -8.63 -15.67 -27.47
C ASP B 338 -9.11 -17.04 -27.00
N LYS B 339 -9.01 -17.28 -25.70
CA LYS B 339 -9.39 -18.58 -25.15
C LYS B 339 -10.85 -18.92 -25.44
N PHE B 340 -11.70 -17.91 -25.57
CA PHE B 340 -13.13 -18.13 -25.67
C PHE B 340 -13.70 -17.72 -27.03
N SER B 341 -12.81 -17.48 -27.99
CA SER B 341 -13.24 -17.19 -29.37
C SER B 341 -14.23 -16.03 -29.39
N ASN B 342 -13.91 -14.97 -28.64
CA ASN B 342 -14.66 -13.72 -28.72
C ASN B 342 -16.08 -13.83 -28.18
N ASP B 343 -16.35 -14.87 -27.39
CA ASP B 343 -17.64 -15.02 -26.76
C ASP B 343 -17.75 -14.06 -25.57
N LEU B 344 -18.40 -12.91 -25.82
CA LEU B 344 -18.53 -11.86 -24.83
C LEU B 344 -19.35 -12.32 -23.63
N SER B 345 -20.37 -13.13 -23.88
CA SER B 345 -21.21 -13.66 -22.81
C SER B 345 -20.39 -14.38 -21.75
N LEU B 346 -19.20 -14.84 -22.12
CA LEU B 346 -18.38 -15.66 -21.22
C LEU B 346 -17.17 -14.88 -20.72
N CYS B 347 -16.58 -14.10 -21.61
CA CYS B 347 -15.42 -13.31 -21.27
CA CYS B 347 -15.42 -13.30 -21.28
C CYS B 347 -15.74 -12.34 -20.13
N LEU B 348 -16.90 -11.72 -20.19
CA LEU B 348 -17.27 -10.68 -19.23
C LEU B 348 -17.30 -11.21 -17.79
N PRO B 349 -18.20 -12.17 -17.51
CA PRO B 349 -18.23 -12.73 -16.17
C PRO B 349 -16.91 -13.35 -15.72
N VAL B 350 -16.16 -13.94 -16.64
CA VAL B 350 -14.89 -14.56 -16.25
C VAL B 350 -13.83 -13.50 -15.96
N PHE B 351 -13.86 -12.42 -16.73
CA PHE B 351 -12.99 -11.27 -16.47
C PHE B 351 -13.14 -10.75 -15.04
N SER B 352 -14.37 -10.47 -14.63
CA SER B 352 -14.63 -10.04 -13.27
C SER B 352 -14.02 -11.03 -12.28
N ARG B 353 -14.25 -12.32 -12.54
CA ARG B 353 -13.85 -13.37 -11.61
C ARG B 353 -12.33 -13.45 -11.44
N LEU B 354 -11.60 -13.25 -12.52
CA LEU B 354 -10.15 -13.43 -12.49
C LEU B 354 -9.45 -12.15 -12.10
N ARG B 355 -10.04 -11.03 -12.50
CA ARG B 355 -9.36 -9.76 -12.38
C ARG B 355 -9.49 -9.20 -10.96
N ILE B 356 -10.64 -9.42 -10.32
CA ILE B 356 -10.90 -8.83 -9.00
C ILE B 356 -9.94 -9.36 -7.93
N PRO B 357 -9.75 -10.69 -7.88
CA PRO B 357 -8.76 -11.28 -6.98
C PRO B 357 -7.31 -10.86 -7.24
N ASP B 358 -7.04 -10.21 -8.37
CA ASP B 358 -5.69 -9.78 -8.71
C ASP B 358 -5.26 -8.58 -7.88
N ASP B 359 -5.42 -8.69 -6.57
CA ASP B 359 -4.89 -7.70 -5.63
C ASP B 359 -4.00 -8.37 -4.60
N SER B 363 3.66 0.32 -3.66
CA SER B 363 3.92 0.66 -2.27
C SER B 363 5.15 1.57 -2.12
N ASP B 364 5.61 2.17 -3.21
CA ASP B 364 6.74 3.09 -3.17
C ASP B 364 6.35 4.41 -2.50
N LEU B 365 5.06 4.75 -2.57
CA LEU B 365 4.58 6.05 -2.13
C LEU B 365 3.86 5.95 -0.80
N SER B 366 4.27 5.00 0.03
CA SER B 366 3.77 4.93 1.40
C SER B 366 4.35 6.10 2.18
N MET B 367 3.70 6.46 3.28
CA MET B 367 4.15 7.58 4.10
C MET B 367 4.74 7.09 5.42
N TYR B 368 5.86 7.70 5.80
CA TYR B 368 6.63 7.24 6.95
C TYR B 368 7.72 8.26 7.22
N ASN B 369 8.29 8.21 8.41
CA ASN B 369 9.47 9.00 8.73
C ASN B 369 10.74 8.23 8.41
N TYR B 370 11.58 8.81 7.57
CA TYR B 370 12.85 8.21 7.21
C TYR B 370 13.89 8.66 8.23
N ILE B 371 14.31 7.75 9.09
CA ILE B 371 15.25 8.09 10.16
C ILE B 371 16.70 7.92 9.69
N GLU B 372 17.42 9.03 9.65
CA GLU B 372 18.83 9.02 9.25
C GLU B 372 19.69 8.47 10.37
N MET B 373 20.46 7.43 10.06
CA MET B 373 21.20 6.68 11.07
C MET B 373 22.68 7.07 11.04
N ARG B 374 23.32 7.04 12.21
CA ARG B 374 24.75 7.27 12.31
C ARG B 374 25.51 6.23 11.48
#